data_3EL3
#
_entry.id   3EL3
#
_cell.length_a   107.548
_cell.length_b   107.548
_cell.length_c   141.648
_cell.angle_alpha   90.00
_cell.angle_beta   90.00
_cell.angle_gamma   120.00
#
_symmetry.space_group_name_H-M   'P 63'
#
loop_
_entity.id
_entity.type
_entity.pdbx_description
1 polymer 'Putative cytochrome P450'
2 non-polymer 'PROTOPORPHYRIN IX CONTAINING FE'
3 non-polymer (3S,3aR,6S)-3,7,7,8-tetramethyl-2,3,4,5,6,7-hexahydro-1H-3a,6-methanoazulene
#
_entity_poly.entity_id   1
_entity_poly.type   'polypeptide(L)'
_entity_poly.pdbx_seq_one_letter_code
;MTVESVNPETRAPAAPGAPELREPPVAGGGVPLLGHGWRLARDPLAFMSQLRDHGDVVRIKLGPKTVYAVTNPELTGALA
LNPDYHIAGPLWESLEGLLGKEGVATANGPLHRRQRRTIQPAFRLDAIPAYGPIMEEEAHALTERWQPGKTVDATSESFR
VAVRVAARCLLRGQYMDERAERLCVALATVFRGMYRRMVVPLGPLYRLPLPANRRFNDALADLHLLVDEIIAERRASGQK
PDDLLTALLEAKDDNGDPIGEQEIHDQVVAILTPGSETIASTIMWLLQALADHPEHADRIRDEVEAVTGGRPVAFEDVRK
LRHTGNVIVEAMRLRPAVWVLTRRAVAESELGGYRIPAGADIIYSPYAIQRDPKSYDDNLEFDPDRWLPERAANVPKYAM
KPFSAGKRKCPSDHFSMAQLTLITAALATKYRFEQVAGSNDAVRVGITLRPHDLLVRPVARHHHHHH
;
_entity_poly.pdbx_strand_id   A,B
#
# COMPACT_ATOMS: atom_id res chain seq x y z
N ARG A 22 -21.32 16.10 -18.88
CA ARG A 22 -22.17 15.53 -17.78
C ARG A 22 -23.40 14.79 -18.26
N GLU A 23 -23.52 13.52 -17.86
CA GLU A 23 -24.65 12.68 -18.24
C GLU A 23 -25.21 11.81 -17.11
N PRO A 24 -26.53 11.89 -16.89
CA PRO A 24 -27.08 11.05 -15.81
C PRO A 24 -27.19 9.58 -16.22
N PRO A 25 -26.90 8.67 -15.28
CA PRO A 25 -26.94 7.23 -15.48
C PRO A 25 -28.11 6.62 -16.25
N VAL A 26 -27.87 5.45 -16.83
CA VAL A 26 -28.85 4.71 -17.60
C VAL A 26 -29.65 3.78 -16.66
N ALA A 27 -30.87 3.42 -17.03
CA ALA A 27 -31.67 2.55 -16.19
C ALA A 27 -31.54 1.11 -16.66
N GLY A 28 -31.93 0.16 -15.80
CA GLY A 28 -31.83 -1.26 -16.13
C GLY A 28 -33.02 -2.07 -16.65
N GLY A 29 -34.02 -2.37 -15.81
CA GLY A 29 -35.20 -3.14 -16.22
C GLY A 29 -35.95 -3.98 -15.18
N GLY A 30 -37.07 -3.46 -14.66
CA GLY A 30 -37.84 -4.20 -13.66
C GLY A 30 -39.35 -4.21 -13.80
N VAL A 31 -40.04 -4.19 -12.66
CA VAL A 31 -41.51 -4.23 -12.62
C VAL A 31 -42.19 -3.02 -11.96
N PRO A 32 -43.53 -2.88 -12.18
CA PRO A 32 -44.33 -1.79 -11.62
C PRO A 32 -43.91 -1.18 -10.28
N LEU A 33 -44.59 -1.61 -9.22
CA LEU A 33 -44.43 -1.14 -7.84
C LEU A 33 -43.10 -1.38 -7.16
N LEU A 34 -42.37 -2.31 -7.75
CA LEU A 34 -41.10 -2.74 -7.24
C LEU A 34 -40.14 -3.05 -8.33
N GLY A 35 -39.74 -2.00 -9.05
CA GLY A 35 -38.85 -2.16 -10.17
C GLY A 35 -37.90 -3.33 -10.12
N HIS A 36 -36.67 -3.01 -9.79
CA HIS A 36 -35.63 -4.00 -9.68
C HIS A 36 -35.86 -4.70 -8.37
N GLY A 37 -36.61 -4.05 -7.47
CA GLY A 37 -36.88 -4.66 -6.18
C GLY A 37 -37.21 -6.14 -6.30
N TRP A 38 -37.63 -6.59 -7.48
CA TRP A 38 -37.99 -8.00 -7.71
C TRP A 38 -36.83 -8.89 -8.20
N ARG A 39 -36.26 -8.59 -9.35
CA ARG A 39 -35.16 -9.40 -9.85
C ARG A 39 -34.17 -9.65 -8.71
N LEU A 40 -33.90 -8.59 -7.94
CA LEU A 40 -32.99 -8.60 -6.78
C LEU A 40 -33.45 -9.65 -5.80
N ALA A 41 -34.77 -9.73 -5.60
CA ALA A 41 -35.43 -10.67 -4.69
C ALA A 41 -35.23 -12.12 -5.02
N ARG A 42 -35.40 -12.39 -6.32
CA ARG A 42 -35.34 -13.72 -6.78
C ARG A 42 -33.90 -14.20 -6.69
N ASP A 43 -32.94 -13.27 -6.84
CA ASP A 43 -31.52 -13.62 -6.75
C ASP A 43 -30.55 -12.43 -6.78
N PRO A 44 -30.28 -11.82 -5.61
CA PRO A 44 -29.38 -10.67 -5.49
C PRO A 44 -28.01 -10.84 -6.17
N LEU A 45 -27.27 -11.87 -5.78
CA LEU A 45 -25.94 -12.10 -6.35
C LEU A 45 -25.89 -12.03 -7.89
N ALA A 46 -26.88 -12.61 -8.56
CA ALA A 46 -26.88 -12.57 -10.02
C ALA A 46 -27.19 -11.17 -10.50
N PHE A 47 -28.11 -10.51 -9.82
CA PHE A 47 -28.48 -9.18 -10.20
C PHE A 47 -27.33 -8.19 -10.10
N MET A 48 -26.39 -8.45 -9.18
CA MET A 48 -25.22 -7.56 -8.99
C MET A 48 -24.22 -7.73 -10.11
N SER A 49 -24.13 -8.95 -10.61
CA SER A 49 -23.20 -9.26 -11.66
C SER A 49 -23.79 -8.80 -13.00
N GLN A 50 -25.09 -9.02 -13.20
CA GLN A 50 -25.73 -8.60 -14.45
C GLN A 50 -25.54 -7.10 -14.61
N LEU A 51 -25.96 -6.36 -13.59
CA LEU A 51 -25.83 -4.91 -13.60
C LEU A 51 -24.50 -4.40 -14.16
N ARG A 52 -23.47 -5.24 -14.15
CA ARG A 52 -22.14 -4.88 -14.64
C ARG A 52 -21.99 -4.36 -16.09
N ASP A 53 -22.77 -4.93 -17.00
CA ASP A 53 -22.73 -4.56 -18.41
C ASP A 53 -23.66 -3.42 -18.81
N HIS A 54 -24.70 -3.14 -18.00
CA HIS A 54 -25.68 -2.07 -18.26
C HIS A 54 -25.08 -0.64 -18.33
N GLY A 55 -23.84 -0.49 -17.87
CA GLY A 55 -23.16 0.80 -17.89
C GLY A 55 -22.17 0.85 -16.74
N ASP A 56 -21.19 1.75 -16.80
CA ASP A 56 -20.20 1.88 -15.72
C ASP A 56 -20.87 2.23 -14.39
N VAL A 57 -21.96 2.99 -14.50
CA VAL A 57 -22.75 3.39 -13.36
C VAL A 57 -24.15 3.42 -13.94
N VAL A 58 -25.06 2.67 -13.32
CA VAL A 58 -26.43 2.63 -13.80
C VAL A 58 -27.35 3.01 -12.69
N ARG A 59 -28.57 3.30 -13.05
CA ARG A 59 -29.52 3.67 -12.04
C ARG A 59 -30.47 2.50 -11.99
N ILE A 60 -30.94 2.19 -10.79
CA ILE A 60 -31.87 1.11 -10.58
C ILE A 60 -32.93 1.62 -9.60
N LYS A 61 -34.17 1.11 -9.72
CA LYS A 61 -35.28 1.52 -8.83
C LYS A 61 -35.89 0.37 -8.03
N LEU A 62 -35.81 0.44 -6.72
CA LEU A 62 -36.40 -0.61 -5.91
C LEU A 62 -37.64 0.07 -5.44
N GLY A 63 -38.74 -0.09 -6.17
CA GLY A 63 -39.94 0.61 -5.75
C GLY A 63 -39.79 2.08 -6.16
N PRO A 64 -40.44 3.04 -5.45
CA PRO A 64 -40.41 4.48 -5.72
C PRO A 64 -39.07 5.21 -5.78
N LYS A 65 -38.16 4.94 -4.84
CA LYS A 65 -36.86 5.61 -4.85
C LYS A 65 -35.75 4.91 -5.65
N THR A 66 -34.84 5.74 -6.14
CA THR A 66 -33.71 5.32 -6.97
C THR A 66 -32.36 5.32 -6.28
N VAL A 67 -31.52 4.38 -6.68
CA VAL A 67 -30.19 4.30 -6.13
C VAL A 67 -29.33 4.21 -7.35
N TYR A 68 -28.04 4.36 -7.14
CA TYR A 68 -27.13 4.27 -8.24
C TYR A 68 -26.15 3.18 -7.90
N ALA A 69 -25.84 2.36 -8.89
CA ALA A 69 -24.92 1.27 -8.71
C ALA A 69 -23.68 1.61 -9.54
N VAL A 70 -22.51 1.32 -8.98
CA VAL A 70 -21.24 1.57 -9.67
C VAL A 70 -20.65 0.21 -9.92
N THR A 71 -20.54 -0.17 -11.20
CA THR A 71 -20.03 -1.49 -11.58
C THR A 71 -18.62 -1.59 -12.14
N ASN A 72 -17.81 -0.55 -11.94
CA ASN A 72 -16.42 -0.54 -12.42
C ASN A 72 -15.36 -0.39 -11.27
N PRO A 73 -14.40 -1.34 -11.20
CA PRO A 73 -13.38 -1.27 -10.14
C PRO A 73 -12.88 0.14 -9.87
N GLU A 74 -12.39 0.81 -10.91
CA GLU A 74 -11.87 2.16 -10.79
C GLU A 74 -12.87 3.10 -10.11
N LEU A 75 -14.06 3.21 -10.66
CA LEU A 75 -15.07 4.09 -10.07
C LEU A 75 -15.37 3.66 -8.63
N THR A 76 -15.38 2.34 -8.37
CA THR A 76 -15.66 1.82 -7.01
C THR A 76 -14.54 2.17 -6.04
N GLY A 77 -13.35 2.37 -6.57
CA GLY A 77 -12.25 2.74 -5.70
C GLY A 77 -12.37 4.23 -5.50
N ALA A 78 -12.71 4.90 -6.59
CA ALA A 78 -12.88 6.34 -6.55
C ALA A 78 -13.87 6.45 -5.42
N LEU A 79 -15.00 5.79 -5.65
CA LEU A 79 -16.11 5.74 -4.74
C LEU A 79 -15.77 5.63 -3.26
N ALA A 80 -14.83 4.76 -2.92
CA ALA A 80 -14.46 4.56 -1.52
C ALA A 80 -13.47 5.61 -1.04
N LEU A 81 -12.51 5.94 -1.90
CA LEU A 81 -11.45 6.90 -1.60
C LEU A 81 -11.87 8.37 -1.66
N ASN A 82 -13.13 8.59 -1.99
CA ASN A 82 -13.65 9.95 -2.04
C ASN A 82 -14.37 10.26 -0.72
N PRO A 83 -13.90 11.28 0.01
CA PRO A 83 -14.49 11.67 1.29
C PRO A 83 -15.88 12.31 1.13
N ASP A 84 -16.33 12.49 -0.11
CA ASP A 84 -17.64 13.10 -0.39
C ASP A 84 -18.82 12.16 -0.24
N TYR A 85 -18.57 10.95 0.22
CA TYR A 85 -19.67 10.00 0.39
C TYR A 85 -19.83 9.52 1.83
N HIS A 86 -20.76 10.14 2.54
CA HIS A 86 -21.03 9.74 3.91
C HIS A 86 -21.76 8.41 3.77
N ILE A 87 -21.85 7.65 4.86
CA ILE A 87 -22.45 6.34 4.75
C ILE A 87 -23.75 6.07 5.44
N ALA A 88 -24.73 6.92 5.19
CA ALA A 88 -26.04 6.69 5.73
C ALA A 88 -26.42 5.50 4.86
N GLY A 89 -26.03 5.55 3.57
CA GLY A 89 -26.33 4.48 2.64
C GLY A 89 -27.67 3.83 2.97
N PRO A 90 -28.80 4.39 2.46
CA PRO A 90 -30.24 4.09 2.58
C PRO A 90 -30.78 2.65 2.88
N LEU A 91 -30.16 1.63 2.30
CA LEU A 91 -30.57 0.24 2.52
C LEU A 91 -29.50 -0.40 3.40
N TRP A 92 -29.05 0.39 4.39
CA TRP A 92 -28.05 0.08 5.42
C TRP A 92 -28.43 0.91 6.66
N GLU A 93 -28.66 2.21 6.46
CA GLU A 93 -29.06 3.13 7.52
C GLU A 93 -30.57 3.01 7.83
N SER A 94 -31.29 2.22 7.02
CA SER A 94 -32.71 1.98 7.27
C SER A 94 -32.71 1.04 8.49
N LEU A 95 -31.60 0.32 8.61
CA LEU A 95 -31.34 -0.62 9.71
C LEU A 95 -30.43 0.03 10.73
N GLU A 96 -29.63 1.00 10.27
CA GLU A 96 -28.69 1.73 11.14
C GLU A 96 -29.42 2.80 11.95
N GLY A 97 -30.57 3.22 11.45
CA GLY A 97 -31.38 4.20 12.17
C GLY A 97 -31.99 3.39 13.30
N LEU A 98 -32.11 2.09 13.04
CA LEU A 98 -32.64 1.12 13.99
C LEU A 98 -31.43 0.58 14.76
N LEU A 99 -30.27 0.51 14.08
CA LEU A 99 -29.05 0.05 14.71
C LEU A 99 -28.80 1.06 15.83
N GLY A 100 -29.68 2.05 15.89
CA GLY A 100 -29.62 3.08 16.92
C GLY A 100 -30.52 2.60 18.04
N LYS A 101 -30.48 1.29 18.25
CA LYS A 101 -31.24 0.60 19.26
C LYS A 101 -31.08 -0.88 18.95
N GLU A 102 -31.13 -1.20 17.67
CA GLU A 102 -31.02 -2.56 17.18
C GLU A 102 -29.63 -3.15 17.38
N GLY A 103 -28.58 -2.38 17.11
CA GLY A 103 -27.27 -2.96 17.29
C GLY A 103 -26.31 -1.94 17.84
N VAL A 104 -25.43 -1.47 16.97
CA VAL A 104 -24.40 -0.45 17.23
C VAL A 104 -24.76 0.63 18.26
N ALA A 105 -26.02 1.09 18.21
CA ALA A 105 -26.55 2.16 19.06
C ALA A 105 -26.59 3.41 18.20
N THR A 106 -26.74 4.59 18.80
CA THR A 106 -26.82 5.80 17.99
C THR A 106 -25.67 6.03 17.02
N ALA A 107 -25.99 5.93 15.73
CA ALA A 107 -25.07 6.16 14.62
C ALA A 107 -24.12 5.05 14.20
N ASN A 108 -22.95 5.52 13.81
CA ASN A 108 -21.81 4.77 13.34
C ASN A 108 -21.13 5.82 12.52
N GLY A 109 -19.82 5.88 12.64
CA GLY A 109 -19.06 6.86 11.90
C GLY A 109 -19.77 7.93 11.09
N PRO A 110 -20.39 8.97 11.71
CA PRO A 110 -21.05 10.01 10.90
C PRO A 110 -19.83 10.75 10.39
N LEU A 111 -19.67 12.04 10.70
CA LEU A 111 -18.44 12.68 10.28
C LEU A 111 -17.54 12.90 11.50
N HIS A 112 -16.88 14.05 11.61
CA HIS A 112 -15.95 14.31 12.70
C HIS A 112 -14.89 13.20 12.79
N ARG A 113 -15.33 11.94 12.84
CA ARG A 113 -14.43 10.79 12.94
C ARG A 113 -13.62 11.07 14.19
N ARG A 114 -12.75 12.08 14.10
CA ARG A 114 -11.88 12.53 15.20
C ARG A 114 -11.96 11.63 16.42
N GLN A 115 -13.07 11.71 17.15
CA GLN A 115 -13.25 10.86 18.32
C GLN A 115 -13.29 9.41 17.85
N ARG A 116 -12.68 9.12 16.72
CA ARG A 116 -12.64 7.77 16.17
C ARG A 116 -11.28 7.32 15.61
N ARG A 117 -10.22 8.09 15.85
CA ARG A 117 -8.90 7.64 15.42
C ARG A 117 -8.51 6.77 16.60
N THR A 118 -9.23 7.00 17.69
CA THR A 118 -9.02 6.28 18.95
C THR A 118 -8.84 4.79 18.68
N ILE A 119 -9.57 4.28 17.69
CA ILE A 119 -9.54 2.87 17.31
C ILE A 119 -8.27 2.38 16.65
N GLN A 120 -7.71 3.18 15.75
CA GLN A 120 -6.49 2.82 15.05
C GLN A 120 -5.37 2.19 15.86
N PRO A 121 -5.01 2.81 17.00
CA PRO A 121 -3.93 2.29 17.84
C PRO A 121 -4.09 0.85 18.27
N ALA A 122 -5.33 0.41 18.39
CA ALA A 122 -5.64 -0.96 18.79
C ALA A 122 -5.60 -1.97 17.62
N PHE A 123 -5.82 -1.51 16.39
CA PHE A 123 -5.81 -2.40 15.24
C PHE A 123 -4.61 -2.29 14.32
N ARG A 124 -3.75 -1.30 14.55
CA ARG A 124 -2.58 -1.11 13.69
C ARG A 124 -1.74 -2.38 13.57
N LEU A 125 -0.70 -2.36 12.72
CA LEU A 125 0.17 -3.53 12.54
C LEU A 125 1.05 -3.73 13.76
N ASP A 126 1.09 -2.69 14.58
CA ASP A 126 1.89 -2.64 15.81
C ASP A 126 1.26 -3.31 17.04
N ALA A 127 -0.07 -3.29 17.12
CA ALA A 127 -0.79 -3.86 18.26
C ALA A 127 -1.37 -5.25 18.02
N ILE A 128 -1.06 -5.85 16.87
CA ILE A 128 -1.53 -7.18 16.56
C ILE A 128 -0.58 -8.29 17.07
N PRO A 129 0.75 -8.09 16.96
CA PRO A 129 1.68 -9.12 17.44
C PRO A 129 1.54 -9.42 18.96
N ALA A 130 0.84 -8.54 19.68
CA ALA A 130 0.62 -8.72 21.13
C ALA A 130 -0.64 -9.54 21.37
N TYR A 131 -1.48 -9.65 20.35
CA TYR A 131 -2.71 -10.43 20.38
C TYR A 131 -2.33 -11.83 19.91
N GLY A 132 -1.22 -11.90 19.17
CA GLY A 132 -0.69 -13.15 18.64
C GLY A 132 -0.83 -14.35 19.53
N PRO A 133 -0.38 -14.30 20.81
CA PRO A 133 -0.51 -15.46 21.70
C PRO A 133 -1.95 -15.92 21.76
N ILE A 134 -2.86 -15.04 22.17
CA ILE A 134 -4.26 -15.44 22.25
C ILE A 134 -4.72 -16.01 20.92
N MET A 135 -4.22 -15.44 19.81
CA MET A 135 -4.61 -15.92 18.50
C MET A 135 -4.13 -17.34 18.32
N GLU A 136 -2.85 -17.58 18.53
CA GLU A 136 -2.27 -18.93 18.44
C GLU A 136 -3.09 -19.91 19.29
N GLU A 137 -3.36 -19.49 20.52
CA GLU A 137 -4.11 -20.25 21.52
C GLU A 137 -5.54 -20.61 21.10
N GLU A 138 -6.21 -19.69 20.41
CA GLU A 138 -7.56 -19.97 19.96
C GLU A 138 -7.56 -20.98 18.84
N ALA A 139 -6.53 -20.89 17.99
CA ALA A 139 -6.40 -21.80 16.84
C ALA A 139 -6.13 -23.20 17.31
N HIS A 140 -4.90 -23.45 17.74
CA HIS A 140 -4.55 -24.79 18.18
C HIS A 140 -5.63 -25.39 19.06
N ALA A 141 -6.34 -24.55 19.80
CA ALA A 141 -7.41 -25.08 20.64
C ALA A 141 -8.42 -25.76 19.74
N LEU A 142 -8.88 -25.06 18.70
CA LEU A 142 -9.85 -25.67 17.78
C LEU A 142 -9.33 -27.06 17.43
N THR A 143 -8.06 -27.07 17.04
CA THR A 143 -7.33 -28.27 16.63
C THR A 143 -7.53 -29.49 17.50
N GLU A 144 -7.72 -29.28 18.80
CA GLU A 144 -7.95 -30.39 19.72
C GLU A 144 -9.46 -30.50 19.88
N ARG A 145 -10.17 -29.42 19.56
CA ARG A 145 -11.62 -29.35 19.69
C ARG A 145 -12.29 -30.22 18.65
N TRP A 146 -11.86 -30.06 17.39
CA TRP A 146 -12.37 -30.88 16.28
C TRP A 146 -11.54 -32.13 16.20
N GLN A 147 -12.21 -33.27 16.15
CA GLN A 147 -11.48 -34.50 16.07
C GLN A 147 -11.93 -35.20 14.82
N PRO A 148 -11.03 -35.95 14.19
CA PRO A 148 -11.38 -36.65 12.96
C PRO A 148 -12.63 -37.52 13.07
N GLY A 149 -13.46 -37.54 12.03
CA GLY A 149 -14.63 -38.39 12.10
C GLY A 149 -15.93 -37.69 12.43
N LYS A 150 -15.88 -36.77 13.37
CA LYS A 150 -17.08 -36.04 13.76
C LYS A 150 -17.20 -34.77 12.94
N THR A 151 -18.21 -34.72 12.09
CA THR A 151 -18.40 -33.53 11.24
C THR A 151 -18.47 -32.30 12.11
N VAL A 152 -17.90 -31.20 11.60
CA VAL A 152 -17.88 -29.94 12.32
C VAL A 152 -19.08 -29.10 11.91
N ASP A 153 -19.83 -28.59 12.90
CA ASP A 153 -20.96 -27.75 12.59
C ASP A 153 -20.39 -26.36 12.32
N ALA A 154 -20.21 -26.02 11.05
CA ALA A 154 -19.63 -24.75 10.62
C ALA A 154 -20.32 -23.44 11.10
N THR A 155 -21.64 -23.39 11.06
CA THR A 155 -22.38 -22.20 11.46
C THR A 155 -22.22 -21.84 12.93
N SER A 156 -22.39 -22.85 13.78
CA SER A 156 -22.25 -22.65 15.20
C SER A 156 -20.78 -22.50 15.60
N GLU A 157 -19.90 -23.33 15.01
CA GLU A 157 -18.46 -23.32 15.33
C GLU A 157 -17.60 -22.18 14.79
N SER A 158 -17.85 -21.71 13.57
CA SER A 158 -17.05 -20.62 13.01
C SER A 158 -17.42 -19.34 13.71
N PHE A 159 -18.70 -19.25 14.03
CA PHE A 159 -19.22 -18.10 14.74
C PHE A 159 -18.51 -18.02 16.11
N ARG A 160 -18.02 -19.14 16.62
CA ARG A 160 -17.37 -19.13 17.93
C ARG A 160 -15.93 -18.66 17.97
N VAL A 161 -15.00 -19.34 17.32
CA VAL A 161 -13.61 -18.89 17.35
C VAL A 161 -13.60 -17.43 16.99
N ALA A 162 -14.64 -17.03 16.27
CA ALA A 162 -14.77 -15.64 15.88
C ALA A 162 -14.81 -14.81 17.16
N VAL A 163 -15.99 -14.81 17.81
CA VAL A 163 -16.23 -14.09 19.06
C VAL A 163 -14.94 -14.16 19.85
N ARG A 164 -14.67 -15.36 20.33
CA ARG A 164 -13.48 -15.64 21.12
C ARG A 164 -12.27 -14.83 20.69
N VAL A 165 -11.73 -15.09 19.52
CA VAL A 165 -10.58 -14.32 19.06
C VAL A 165 -10.80 -12.82 19.28
N ALA A 166 -11.82 -12.28 18.58
CA ALA A 166 -12.16 -10.86 18.63
C ALA A 166 -12.25 -10.34 20.05
N ALA A 167 -13.24 -10.83 20.78
CA ALA A 167 -13.41 -10.42 22.15
C ALA A 167 -12.12 -10.59 22.95
N ARG A 168 -11.57 -11.82 22.93
CA ARG A 168 -10.35 -12.13 23.69
C ARG A 168 -9.12 -11.28 23.42
N CYS A 169 -9.00 -10.73 22.22
CA CYS A 169 -7.86 -9.89 21.96
C CYS A 169 -8.21 -8.42 22.21
N LEU A 170 -9.42 -8.03 21.82
CA LEU A 170 -9.90 -6.64 21.98
C LEU A 170 -10.39 -6.30 23.40
N LEU A 171 -10.27 -7.24 24.32
CA LEU A 171 -10.69 -7.05 25.71
C LEU A 171 -9.99 -8.17 26.47
N ARG A 172 -9.51 -7.93 27.69
CA ARG A 172 -8.79 -9.01 28.40
C ARG A 172 -9.03 -9.23 29.90
N GLY A 173 -9.20 -10.48 30.31
CA GLY A 173 -9.41 -10.77 31.71
C GLY A 173 -10.58 -11.69 32.00
N GLN A 174 -11.70 -11.12 32.43
CA GLN A 174 -12.89 -11.90 32.78
C GLN A 174 -13.54 -12.43 31.54
N TYR A 175 -13.70 -13.74 31.50
CA TYR A 175 -14.23 -14.37 30.33
C TYR A 175 -15.71 -14.51 30.03
N MET A 176 -16.00 -13.90 28.90
CA MET A 176 -17.28 -13.76 28.25
C MET A 176 -17.57 -15.05 27.48
N ASP A 177 -16.60 -15.97 27.57
CA ASP A 177 -16.62 -17.28 26.95
C ASP A 177 -17.88 -17.58 26.15
N GLU A 178 -18.55 -18.66 26.53
CA GLU A 178 -19.73 -19.06 25.80
C GLU A 178 -20.93 -18.16 26.02
N ARG A 179 -20.80 -17.20 26.94
CA ARG A 179 -21.91 -16.32 27.18
C ARG A 179 -22.08 -15.33 26.05
N ALA A 180 -20.98 -14.70 25.65
CA ALA A 180 -21.06 -13.73 24.57
C ALA A 180 -21.53 -14.45 23.32
N GLU A 181 -20.88 -15.56 23.00
CA GLU A 181 -21.23 -16.32 21.82
C GLU A 181 -22.73 -16.53 21.69
N ARG A 182 -23.30 -17.28 22.64
CA ARG A 182 -24.72 -17.61 22.65
C ARG A 182 -25.68 -16.52 22.21
N LEU A 183 -25.54 -15.37 22.84
CA LEU A 183 -26.38 -14.21 22.59
C LEU A 183 -26.27 -13.72 21.14
N CYS A 184 -25.04 -13.54 20.68
CA CYS A 184 -24.79 -13.10 19.31
C CYS A 184 -25.32 -14.14 18.35
N VAL A 185 -25.25 -15.40 18.80
CA VAL A 185 -25.75 -16.53 18.01
C VAL A 185 -27.23 -16.29 17.92
N ALA A 186 -27.93 -16.55 19.01
CA ALA A 186 -29.36 -16.35 19.04
C ALA A 186 -29.65 -15.03 18.37
N LEU A 187 -28.62 -14.19 18.28
CA LEU A 187 -28.79 -12.92 17.65
C LEU A 187 -28.71 -13.02 16.13
N ALA A 188 -27.54 -13.38 15.63
CA ALA A 188 -27.32 -13.51 14.19
C ALA A 188 -28.45 -14.22 13.47
N THR A 189 -29.02 -15.24 14.08
CA THR A 189 -30.09 -16.00 13.44
C THR A 189 -31.40 -15.25 13.27
N VAL A 190 -31.58 -14.18 14.04
CA VAL A 190 -32.79 -13.41 13.96
C VAL A 190 -32.81 -12.60 12.67
N PHE A 191 -31.64 -12.32 12.15
CA PHE A 191 -31.52 -11.52 10.94
C PHE A 191 -31.87 -12.28 9.67
N ARG A 192 -31.39 -13.53 9.55
CA ARG A 192 -31.68 -14.35 8.38
C ARG A 192 -33.17 -14.53 8.10
N GLY A 193 -33.83 -15.32 8.94
CA GLY A 193 -35.25 -15.52 8.73
C GLY A 193 -36.04 -15.20 9.98
N LEU A 210 -37.61 -4.43 11.03
CA LEU A 210 -37.24 -3.89 12.33
C LEU A 210 -37.28 -4.98 13.41
N PRO A 211 -36.22 -5.10 14.24
CA PRO A 211 -36.04 -6.08 15.32
C PRO A 211 -37.00 -7.27 15.48
N ALA A 212 -36.96 -7.97 16.60
CA ALA A 212 -37.82 -9.15 16.71
C ALA A 212 -38.65 -9.50 17.94
N ASN A 213 -39.16 -10.74 17.94
CA ASN A 213 -40.05 -11.35 18.95
C ASN A 213 -39.68 -11.81 20.38
N ARG A 214 -39.16 -13.03 20.53
CA ARG A 214 -38.89 -13.58 21.87
C ARG A 214 -37.50 -13.81 22.47
N ARG A 215 -36.81 -14.87 22.07
CA ARG A 215 -35.50 -15.17 22.62
C ARG A 215 -34.40 -14.26 22.09
N PHE A 216 -34.73 -13.49 21.06
CA PHE A 216 -33.76 -12.54 20.47
C PHE A 216 -33.65 -11.44 21.52
N ASN A 217 -34.66 -11.47 22.40
CA ASN A 217 -34.77 -10.54 23.49
C ASN A 217 -33.78 -11.03 24.57
N ASP A 218 -34.01 -12.15 25.16
CA ASP A 218 -33.15 -12.78 26.21
C ASP A 218 -31.69 -12.76 25.79
N ALA A 219 -31.39 -12.51 24.53
CA ALA A 219 -30.04 -12.49 24.02
C ALA A 219 -29.53 -11.08 23.94
N LEU A 220 -30.41 -10.15 23.60
CA LEU A 220 -30.01 -8.78 23.47
C LEU A 220 -29.66 -8.16 24.81
N ALA A 221 -30.64 -8.06 25.71
CA ALA A 221 -30.40 -7.46 27.02
C ALA A 221 -29.16 -8.08 27.62
N ASP A 222 -28.99 -9.39 27.44
CA ASP A 222 -27.84 -10.13 27.95
C ASP A 222 -26.57 -9.66 27.26
N LEU A 223 -26.67 -9.42 25.96
CA LEU A 223 -25.53 -8.94 25.20
C LEU A 223 -25.11 -7.57 25.74
N HIS A 224 -26.10 -6.76 26.14
CA HIS A 224 -25.82 -5.43 26.70
C HIS A 224 -25.52 -5.55 28.18
N LEU A 225 -26.23 -6.43 28.86
CA LEU A 225 -26.02 -6.67 30.27
C LEU A 225 -24.54 -7.01 30.40
N LEU A 226 -24.09 -7.89 29.52
CA LEU A 226 -22.72 -8.37 29.52
C LEU A 226 -21.67 -7.34 29.13
N VAL A 227 -21.88 -6.60 28.05
CA VAL A 227 -20.89 -5.59 27.65
C VAL A 227 -20.63 -4.59 28.76
N ASP A 228 -21.69 -4.14 29.43
CA ASP A 228 -21.59 -3.16 30.52
C ASP A 228 -20.77 -3.76 31.65
N GLU A 229 -21.23 -4.92 32.11
CA GLU A 229 -20.56 -5.66 33.19
C GLU A 229 -19.08 -5.74 32.84
N ILE A 230 -18.78 -5.98 31.56
CA ILE A 230 -17.40 -6.10 31.07
C ILE A 230 -16.62 -4.79 31.06
N ILE A 231 -17.32 -3.65 30.98
CA ILE A 231 -16.63 -2.36 31.02
C ILE A 231 -16.31 -2.07 32.46
N ALA A 232 -17.26 -2.41 33.33
CA ALA A 232 -17.15 -2.21 34.77
C ALA A 232 -15.89 -2.88 35.34
N GLU A 233 -15.61 -4.10 34.89
CA GLU A 233 -14.46 -4.85 35.39
C GLU A 233 -13.06 -4.37 35.00
N ARG A 234 -12.81 -4.02 33.74
CA ARG A 234 -11.46 -3.56 33.34
C ARG A 234 -11.15 -2.25 34.05
N ARG A 235 -12.21 -1.57 34.46
CA ARG A 235 -12.06 -0.32 35.17
C ARG A 235 -11.11 -0.59 36.36
N ALA A 236 -11.10 -1.82 36.91
CA ALA A 236 -10.25 -2.21 38.06
C ALA A 236 -8.76 -1.97 37.80
N SER A 237 -8.13 -2.82 37.03
CA SER A 237 -6.72 -2.58 36.76
C SER A 237 -6.46 -2.80 35.27
N GLY A 238 -6.74 -1.77 34.46
CA GLY A 238 -6.56 -1.88 33.02
C GLY A 238 -5.28 -1.33 32.44
N GLN A 239 -4.23 -1.34 33.26
CA GLN A 239 -2.90 -0.85 32.88
C GLN A 239 -2.54 -0.99 31.39
N LYS A 240 -1.63 -1.93 31.08
CA LYS A 240 -1.15 -2.16 29.70
C LYS A 240 -2.20 -2.53 28.66
N PRO A 241 -3.41 -2.97 29.09
CA PRO A 241 -4.38 -3.31 28.05
C PRO A 241 -4.40 -2.31 26.88
N ASP A 242 -3.73 -2.71 25.80
CA ASP A 242 -3.61 -1.95 24.57
C ASP A 242 -4.88 -2.19 23.71
N ASP A 243 -5.64 -3.22 24.09
CA ASP A 243 -6.86 -3.55 23.37
C ASP A 243 -7.77 -2.34 23.15
N LEU A 244 -8.85 -2.56 22.41
CA LEU A 244 -9.82 -1.53 22.09
C LEU A 244 -10.54 -0.99 23.33
N LEU A 245 -10.80 -1.84 24.33
CA LEU A 245 -11.50 -1.36 25.52
C LEU A 245 -10.79 -0.23 26.28
N THR A 246 -9.49 -0.38 26.49
CA THR A 246 -8.71 0.65 27.21
C THR A 246 -8.53 1.93 26.39
N ALA A 247 -8.21 1.77 25.12
CA ALA A 247 -8.06 2.91 24.25
C ALA A 247 -9.44 3.60 24.15
N LEU A 248 -10.52 2.80 24.30
CA LEU A 248 -11.93 3.29 24.24
C LEU A 248 -12.32 3.89 25.59
N LEU A 249 -11.50 3.62 26.59
CA LEU A 249 -11.71 4.18 27.92
C LEU A 249 -10.80 5.41 28.05
N GLU A 250 -10.11 5.77 26.95
CA GLU A 250 -9.19 6.92 26.92
C GLU A 250 -9.33 7.88 25.72
N ALA A 251 -10.54 8.30 25.41
CA ALA A 251 -10.74 9.22 24.32
C ALA A 251 -11.68 10.35 24.72
N GLY A 260 -17.88 9.86 26.31
CA GLY A 260 -19.26 9.38 26.38
C GLY A 260 -19.41 8.23 27.35
N GLU A 261 -20.50 8.20 28.11
CA GLU A 261 -20.73 7.15 29.10
C GLU A 261 -21.28 5.88 28.48
N GLN A 262 -22.33 6.05 27.69
CA GLN A 262 -22.91 4.92 27.00
C GLN A 262 -22.34 4.94 25.61
N GLU A 263 -21.36 5.82 25.37
CA GLU A 263 -20.75 5.87 24.05
C GLU A 263 -19.71 4.77 23.95
N ILE A 264 -19.20 4.34 25.10
CA ILE A 264 -18.24 3.26 25.06
C ILE A 264 -19.02 1.97 24.92
N HIS A 265 -20.09 1.81 25.72
CA HIS A 265 -20.96 0.61 25.68
C HIS A 265 -21.55 0.44 24.29
N ASP A 266 -21.48 1.50 23.47
CA ASP A 266 -22.02 1.48 22.11
C ASP A 266 -20.95 1.24 21.03
N GLN A 267 -19.73 1.72 21.26
CA GLN A 267 -18.64 1.52 20.28
C GLN A 267 -18.06 0.08 20.30
N VAL A 268 -18.09 -0.58 21.46
CA VAL A 268 -17.61 -1.95 21.54
C VAL A 268 -18.63 -2.82 20.81
N VAL A 269 -19.88 -2.74 21.27
CA VAL A 269 -20.99 -3.50 20.69
C VAL A 269 -21.10 -3.24 19.20
N ALA A 270 -20.42 -2.19 18.73
CA ALA A 270 -20.47 -1.83 17.31
C ALA A 270 -19.27 -2.38 16.55
N ILE A 271 -18.16 -2.54 17.26
CA ILE A 271 -16.97 -3.07 16.65
C ILE A 271 -16.92 -4.57 16.76
N LEU A 272 -17.38 -5.07 17.89
CA LEU A 272 -17.39 -6.49 18.10
C LEU A 272 -18.46 -7.17 17.25
N THR A 273 -19.64 -6.56 17.13
CA THR A 273 -20.68 -7.20 16.35
C THR A 273 -20.37 -7.55 14.89
N PRO A 274 -20.24 -6.56 14.02
CA PRO A 274 -19.97 -6.90 12.62
C PRO A 274 -18.71 -7.74 12.42
N GLY A 275 -17.61 -7.26 12.97
CA GLY A 275 -16.36 -7.98 12.81
C GLY A 275 -16.35 -9.45 13.13
N SER A 276 -17.32 -9.90 13.92
CA SER A 276 -17.39 -11.30 14.28
C SER A 276 -18.12 -12.14 13.26
N GLU A 277 -19.27 -11.67 12.83
CA GLU A 277 -20.04 -12.41 11.83
C GLU A 277 -19.30 -12.44 10.52
N THR A 278 -18.40 -11.48 10.35
CA THR A 278 -17.62 -11.39 9.12
C THR A 278 -16.42 -12.32 9.17
N ILE A 279 -15.66 -12.29 10.25
CA ILE A 279 -14.49 -13.18 10.36
C ILE A 279 -15.03 -14.63 10.36
N ALA A 280 -16.29 -14.75 10.74
CA ALA A 280 -16.97 -16.05 10.80
C ALA A 280 -17.31 -16.53 9.39
N SER A 281 -18.25 -15.84 8.72
CA SER A 281 -18.61 -16.21 7.35
C SER A 281 -17.29 -16.50 6.61
N THR A 282 -16.31 -15.67 6.90
CA THR A 282 -15.04 -15.87 6.28
C THR A 282 -14.54 -17.27 6.58
N ILE A 283 -14.38 -17.57 7.86
CA ILE A 283 -13.90 -18.87 8.26
C ILE A 283 -14.68 -19.94 7.54
N MET A 284 -15.99 -19.79 7.56
CA MET A 284 -16.86 -20.76 6.91
C MET A 284 -16.42 -21.13 5.50
N TRP A 285 -16.18 -20.13 4.66
CA TRP A 285 -15.76 -20.40 3.28
C TRP A 285 -14.38 -20.97 3.17
N LEU A 286 -13.61 -20.80 4.24
CA LEU A 286 -12.25 -21.29 4.32
C LEU A 286 -12.31 -22.76 4.54
N LEU A 287 -13.27 -23.20 5.36
CA LEU A 287 -13.47 -24.62 5.66
C LEU A 287 -13.85 -25.39 4.41
N GLN A 288 -14.69 -24.73 3.60
CA GLN A 288 -15.18 -25.26 2.34
C GLN A 288 -13.99 -25.35 1.39
N ALA A 289 -13.05 -24.42 1.55
CA ALA A 289 -11.86 -24.36 0.72
C ALA A 289 -10.91 -25.51 1.02
N LEU A 290 -10.53 -25.67 2.30
CA LEU A 290 -9.64 -26.74 2.72
C LEU A 290 -10.27 -28.08 2.41
N ALA A 291 -11.61 -28.10 2.35
CA ALA A 291 -12.31 -29.32 2.05
C ALA A 291 -12.51 -29.49 0.56
N ASP A 292 -12.53 -28.40 -0.20
CA ASP A 292 -12.74 -28.44 -1.67
C ASP A 292 -11.50 -28.47 -2.58
N HIS A 293 -10.32 -28.29 -2.01
CA HIS A 293 -9.11 -28.29 -2.83
C HIS A 293 -7.96 -28.89 -2.08
N PRO A 294 -8.09 -30.17 -1.71
CA PRO A 294 -7.07 -30.90 -0.96
C PRO A 294 -5.66 -30.40 -1.29
N GLU A 295 -5.45 -30.20 -2.59
CA GLU A 295 -4.19 -29.75 -3.14
C GLU A 295 -3.54 -28.68 -2.26
N HIS A 296 -4.18 -27.53 -2.21
CA HIS A 296 -3.65 -26.44 -1.42
C HIS A 296 -3.65 -26.74 0.06
N ALA A 297 -4.61 -27.55 0.51
CA ALA A 297 -4.72 -27.90 1.94
C ALA A 297 -3.44 -28.55 2.40
N ASP A 298 -2.98 -29.53 1.64
CA ASP A 298 -1.76 -30.22 1.96
C ASP A 298 -0.60 -29.31 1.62
N ARG A 299 -0.75 -28.51 0.55
CA ARG A 299 0.28 -27.56 0.16
C ARG A 299 0.52 -26.61 1.32
N ILE A 300 -0.58 -26.30 2.01
CA ILE A 300 -0.56 -25.41 3.16
C ILE A 300 0.05 -26.11 4.35
N ARG A 301 0.01 -27.44 4.34
CA ARG A 301 0.58 -28.18 5.45
C ARG A 301 2.10 -28.31 5.29
N ASP A 302 2.59 -28.20 4.05
CA ASP A 302 4.02 -28.30 3.77
C ASP A 302 4.70 -27.00 4.09
N GLU A 303 4.01 -25.93 3.73
CA GLU A 303 4.52 -24.60 3.96
C GLU A 303 4.68 -24.37 5.45
N VAL A 304 3.68 -24.80 6.22
CA VAL A 304 3.69 -24.64 7.68
C VAL A 304 4.80 -25.46 8.33
N GLU A 305 4.94 -26.72 7.94
CA GLU A 305 6.00 -27.55 8.54
C GLU A 305 7.40 -26.98 8.26
N ALA A 306 7.69 -26.64 7.02
CA ALA A 306 9.00 -26.08 6.69
C ALA A 306 9.38 -24.98 7.71
N VAL A 307 8.65 -23.87 7.67
CA VAL A 307 8.86 -22.71 8.55
C VAL A 307 8.75 -23.02 10.05
N THR A 308 7.65 -23.69 10.42
CA THR A 308 7.35 -24.06 11.81
C THR A 308 8.20 -25.24 12.28
N GLY A 309 8.53 -26.14 11.35
CA GLY A 309 9.29 -27.33 11.72
C GLY A 309 8.33 -28.34 12.34
N GLY A 310 7.87 -28.05 13.55
CA GLY A 310 6.94 -28.90 14.26
C GLY A 310 6.11 -28.07 15.24
N ARG A 311 6.76 -27.08 15.84
CA ARG A 311 6.10 -26.20 16.79
C ARG A 311 4.76 -25.73 16.24
N PRO A 312 3.76 -25.61 17.11
CA PRO A 312 2.46 -25.15 16.65
C PRO A 312 2.60 -23.75 16.06
N VAL A 313 2.01 -23.51 14.89
CA VAL A 313 2.07 -22.22 14.21
C VAL A 313 1.99 -20.96 15.17
N ALA A 314 2.75 -19.90 14.87
CA ALA A 314 2.73 -18.68 15.69
C ALA A 314 2.82 -17.39 14.87
N PHE A 315 2.21 -16.32 15.35
CA PHE A 315 2.23 -15.03 14.67
C PHE A 315 3.46 -14.76 13.80
N GLU A 316 4.66 -15.07 14.30
CA GLU A 316 5.86 -14.80 13.50
C GLU A 316 5.83 -15.56 12.18
N ASP A 317 5.40 -16.82 12.25
CA ASP A 317 5.32 -17.66 11.08
C ASP A 317 4.37 -17.13 10.02
N VAL A 318 3.13 -16.80 10.43
CA VAL A 318 2.12 -16.30 9.49
C VAL A 318 2.78 -15.38 8.49
N ARG A 319 3.53 -14.41 9.00
CA ARG A 319 4.21 -13.47 8.14
C ARG A 319 5.11 -14.13 7.11
N LYS A 320 5.18 -15.46 7.16
CA LYS A 320 6.01 -16.23 6.25
C LYS A 320 5.20 -17.14 5.32
N LEU A 321 4.12 -17.71 5.85
CA LEU A 321 3.27 -18.61 5.09
C LEU A 321 2.56 -17.94 3.90
N ARG A 322 3.23 -17.78 2.74
CA ARG A 322 2.62 -17.14 1.57
C ARG A 322 1.43 -17.88 0.98
N HIS A 323 1.59 -19.19 0.74
CA HIS A 323 0.52 -19.97 0.18
C HIS A 323 -0.70 -19.97 1.08
N THR A 324 -0.48 -20.01 2.39
CA THR A 324 -1.57 -20.03 3.37
C THR A 324 -2.49 -18.81 3.23
N GLY A 325 -1.89 -17.66 2.99
CA GLY A 325 -2.66 -16.44 2.82
C GLY A 325 -3.27 -16.37 1.44
N ASN A 326 -2.56 -16.86 0.43
CA ASN A 326 -3.05 -16.84 -0.96
C ASN A 326 -4.34 -17.61 -1.04
N VAL A 327 -4.34 -18.77 -0.38
CA VAL A 327 -5.54 -19.59 -0.32
C VAL A 327 -6.66 -18.69 0.24
N ILE A 328 -6.44 -18.21 1.47
CA ILE A 328 -7.39 -17.36 2.18
C ILE A 328 -7.91 -16.21 1.34
N VAL A 329 -7.04 -15.63 0.51
CA VAL A 329 -7.47 -14.51 -0.31
C VAL A 329 -8.34 -14.90 -1.47
N GLU A 330 -7.86 -15.87 -2.25
CA GLU A 330 -8.57 -16.39 -3.42
C GLU A 330 -9.97 -16.81 -3.06
N ALA A 331 -10.10 -17.38 -1.86
CA ALA A 331 -11.38 -17.79 -1.33
C ALA A 331 -12.25 -16.53 -1.05
N MET A 332 -11.68 -15.55 -0.37
CA MET A 332 -12.38 -14.32 -0.06
C MET A 332 -12.84 -13.55 -1.30
N ARG A 333 -12.12 -13.73 -2.41
CA ARG A 333 -12.49 -13.06 -3.66
C ARG A 333 -13.79 -13.61 -4.21
N LEU A 334 -13.91 -14.94 -4.25
CA LEU A 334 -15.09 -15.62 -4.76
C LEU A 334 -16.26 -15.66 -3.78
N ARG A 335 -15.94 -15.87 -2.51
CA ARG A 335 -16.94 -15.95 -1.47
C ARG A 335 -16.73 -14.94 -0.35
N PRO A 336 -16.78 -13.63 -0.65
CA PRO A 336 -16.56 -12.70 0.47
C PRO A 336 -17.72 -12.76 1.43
N ALA A 337 -17.49 -12.23 2.61
CA ALA A 337 -18.55 -12.22 3.55
C ALA A 337 -19.39 -10.98 3.25
N VAL A 338 -18.74 -9.87 2.98
CA VAL A 338 -19.46 -8.64 2.68
C VAL A 338 -19.51 -8.47 1.14
N TRP A 339 -20.72 -8.53 0.58
CA TRP A 339 -20.90 -8.45 -0.87
C TRP A 339 -21.52 -7.19 -1.49
N VAL A 340 -21.90 -6.25 -0.66
CA VAL A 340 -22.44 -5.00 -1.17
C VAL A 340 -22.01 -3.96 -0.20
N LEU A 341 -21.88 -2.75 -0.70
CA LEU A 341 -21.47 -1.65 0.13
C LEU A 341 -22.20 -0.41 -0.33
N THR A 342 -22.74 0.36 0.61
CA THR A 342 -23.47 1.54 0.23
C THR A 342 -22.89 2.84 0.73
N ARG A 343 -23.31 3.92 0.08
CA ARG A 343 -22.86 5.24 0.41
C ARG A 343 -23.99 6.24 0.15
N ARG A 344 -23.78 7.47 0.59
CA ARG A 344 -24.75 8.53 0.39
C ARG A 344 -24.01 9.81 0.07
N ALA A 345 -24.09 10.22 -1.19
CA ALA A 345 -23.42 11.44 -1.64
C ALA A 345 -23.86 12.63 -0.81
N VAL A 346 -22.91 13.52 -0.56
CA VAL A 346 -23.18 14.74 0.19
C VAL A 346 -23.29 15.79 -0.89
N ALA A 347 -22.37 15.73 -1.85
CA ALA A 347 -22.36 16.68 -2.94
C ALA A 347 -22.67 16.12 -4.33
N GLU A 348 -23.33 16.93 -5.16
CA GLU A 348 -23.66 16.54 -6.53
C GLU A 348 -22.33 16.10 -7.09
N SER A 349 -22.22 14.83 -7.49
CA SER A 349 -20.97 14.31 -8.01
C SER A 349 -20.97 13.93 -9.48
N GLU A 350 -19.77 13.55 -9.93
CA GLU A 350 -19.50 13.11 -11.28
C GLU A 350 -18.63 11.87 -11.08
N LEU A 351 -18.94 10.81 -11.81
CA LEU A 351 -18.21 9.56 -11.68
C LEU A 351 -18.14 8.89 -13.03
N GLY A 352 -16.93 8.54 -13.47
CA GLY A 352 -16.81 7.92 -14.76
C GLY A 352 -17.59 8.73 -15.78
N GLY A 353 -17.54 10.06 -15.62
CA GLY A 353 -18.22 10.98 -16.52
C GLY A 353 -19.73 11.04 -16.37
N TYR A 354 -20.26 10.42 -15.34
CA TYR A 354 -21.69 10.43 -15.12
C TYR A 354 -22.01 11.38 -13.98
N ARG A 355 -23.21 11.95 -14.00
CA ARG A 355 -23.60 12.90 -12.98
C ARG A 355 -24.31 12.24 -11.83
N ILE A 356 -23.65 12.23 -10.69
CA ILE A 356 -24.21 11.64 -9.49
C ILE A 356 -24.88 12.73 -8.65
N PRO A 357 -26.21 12.81 -8.74
CA PRO A 357 -27.03 13.78 -8.01
C PRO A 357 -26.65 13.82 -6.55
N ALA A 358 -26.41 15.00 -6.01
CA ALA A 358 -26.04 15.12 -4.61
C ALA A 358 -27.12 14.45 -3.73
N GLY A 359 -26.78 14.14 -2.49
CA GLY A 359 -27.72 13.51 -1.59
C GLY A 359 -28.17 12.14 -2.07
N ALA A 360 -27.70 11.73 -3.25
CA ALA A 360 -28.08 10.45 -3.83
C ALA A 360 -27.62 9.26 -3.01
N ASP A 361 -28.08 8.08 -3.39
CA ASP A 361 -27.74 6.88 -2.69
C ASP A 361 -27.22 5.89 -3.70
N ILE A 362 -25.97 5.51 -3.49
CA ILE A 362 -25.25 4.64 -4.38
C ILE A 362 -24.95 3.31 -3.75
N ILE A 363 -24.78 2.30 -4.59
CA ILE A 363 -24.49 0.97 -4.10
C ILE A 363 -23.57 0.24 -5.05
N TYR A 364 -22.67 -0.56 -4.49
CA TYR A 364 -21.78 -1.37 -5.32
C TYR A 364 -21.63 -2.78 -4.74
N SER A 365 -21.09 -3.70 -5.56
CA SER A 365 -20.95 -5.08 -5.14
C SER A 365 -19.54 -5.69 -5.24
N PRO A 366 -18.75 -5.64 -4.16
CA PRO A 366 -17.41 -6.24 -4.27
C PRO A 366 -17.52 -7.72 -4.71
N TYR A 367 -18.69 -8.30 -4.45
CA TYR A 367 -18.95 -9.68 -4.81
C TYR A 367 -18.64 -9.75 -6.27
N ALA A 368 -19.47 -9.05 -7.05
CA ALA A 368 -19.37 -8.96 -8.51
C ALA A 368 -18.00 -8.51 -9.01
N ILE A 369 -17.49 -7.46 -8.40
CA ILE A 369 -16.20 -6.91 -8.76
C ILE A 369 -15.13 -7.97 -8.73
N GLN A 370 -15.00 -8.65 -7.61
CA GLN A 370 -13.97 -9.67 -7.47
C GLN A 370 -14.22 -10.85 -8.43
N ARG A 371 -15.42 -10.90 -8.99
CA ARG A 371 -15.79 -11.99 -9.89
C ARG A 371 -16.08 -11.49 -11.29
N ASP A 372 -15.53 -10.34 -11.64
CA ASP A 372 -15.77 -9.80 -12.96
C ASP A 372 -14.75 -10.35 -13.98
N PRO A 373 -15.24 -10.94 -15.07
CA PRO A 373 -14.35 -11.49 -16.09
C PRO A 373 -13.32 -10.43 -16.46
N LYS A 374 -13.84 -9.29 -16.92
CA LYS A 374 -13.00 -8.20 -17.33
C LYS A 374 -11.86 -7.91 -16.35
N SER A 375 -12.02 -8.26 -15.07
CA SER A 375 -10.98 -8.00 -14.08
C SER A 375 -10.07 -9.18 -13.85
N TYR A 376 -10.58 -10.37 -14.13
CA TYR A 376 -9.82 -11.60 -13.94
C TYR A 376 -9.85 -12.57 -15.15
N ASP A 377 -8.76 -13.31 -15.33
CA ASP A 377 -8.63 -14.28 -16.43
C ASP A 377 -9.62 -15.43 -16.26
N ASP A 378 -9.27 -16.35 -15.35
CA ASP A 378 -10.08 -17.51 -15.07
C ASP A 378 -11.11 -17.09 -14.04
N ASN A 379 -11.94 -16.17 -14.52
CA ASN A 379 -13.04 -15.55 -13.81
C ASN A 379 -13.65 -16.29 -12.60
N LEU A 380 -13.92 -17.58 -12.76
CA LEU A 380 -14.53 -18.33 -11.68
C LEU A 380 -13.63 -19.44 -11.20
N GLU A 381 -12.42 -19.47 -11.66
CA GLU A 381 -11.55 -20.55 -11.28
C GLU A 381 -10.80 -20.32 -9.98
N PHE A 382 -10.97 -21.22 -9.01
CA PHE A 382 -10.27 -21.10 -7.71
C PHE A 382 -8.81 -21.25 -8.06
N ASP A 383 -8.04 -20.23 -7.74
CA ASP A 383 -6.62 -20.24 -8.05
C ASP A 383 -5.82 -19.36 -7.09
N PRO A 384 -5.36 -19.91 -5.94
CA PRO A 384 -4.58 -19.17 -4.96
C PRO A 384 -3.34 -18.52 -5.57
N ASP A 385 -2.94 -19.00 -6.76
CA ASP A 385 -1.74 -18.49 -7.46
C ASP A 385 -1.95 -17.38 -8.50
N ARG A 386 -3.18 -16.89 -8.62
CA ARG A 386 -3.44 -15.81 -9.55
C ARG A 386 -2.95 -14.58 -8.80
N TRP A 387 -2.53 -14.79 -7.55
CA TRP A 387 -2.03 -13.74 -6.65
C TRP A 387 -0.51 -13.75 -6.64
N LEU A 388 0.05 -14.34 -7.68
CA LEU A 388 1.49 -14.39 -7.82
C LEU A 388 1.90 -13.05 -8.42
N PRO A 389 2.94 -12.42 -7.85
CA PRO A 389 3.41 -11.13 -8.33
C PRO A 389 3.07 -10.82 -9.80
N GLU A 390 3.46 -11.72 -10.72
CA GLU A 390 3.19 -11.50 -12.15
C GLU A 390 1.74 -11.33 -12.56
N ARG A 391 0.90 -12.29 -12.17
CA ARG A 391 -0.53 -12.24 -12.49
C ARG A 391 -1.23 -11.23 -11.57
N ALA A 392 -0.64 -11.00 -10.40
CA ALA A 392 -1.18 -10.07 -9.41
C ALA A 392 -1.32 -8.65 -9.97
N ALA A 393 -0.28 -8.17 -10.64
CA ALA A 393 -0.34 -6.85 -11.23
C ALA A 393 -1.31 -6.86 -12.43
N ASN A 394 -1.62 -8.06 -12.94
CA ASN A 394 -2.53 -8.24 -14.08
C ASN A 394 -3.92 -7.72 -13.70
N VAL A 395 -4.22 -7.86 -12.41
CA VAL A 395 -5.50 -7.47 -11.81
C VAL A 395 -5.63 -6.02 -11.38
N PRO A 396 -6.66 -5.34 -11.87
CA PRO A 396 -6.95 -3.92 -11.57
C PRO A 396 -6.64 -3.51 -10.14
N LYS A 397 -6.45 -2.20 -9.93
CA LYS A 397 -6.12 -1.65 -8.59
C LYS A 397 -7.10 -1.97 -7.48
N TYR A 398 -8.37 -1.63 -7.69
CA TYR A 398 -9.38 -1.89 -6.68
C TYR A 398 -10.33 -2.99 -7.09
N ALA A 399 -9.81 -4.01 -7.76
CA ALA A 399 -10.66 -5.12 -8.19
C ALA A 399 -10.67 -6.18 -7.11
N MET A 400 -9.91 -5.93 -6.05
CA MET A 400 -9.81 -6.86 -4.93
C MET A 400 -9.41 -6.17 -3.62
N LYS A 401 -10.43 -5.77 -2.88
CA LYS A 401 -10.20 -5.09 -1.63
C LYS A 401 -11.33 -5.50 -0.71
N PRO A 402 -11.14 -6.64 -0.01
CA PRO A 402 -12.08 -7.22 0.94
C PRO A 402 -12.64 -6.17 1.89
N PHE A 403 -11.79 -5.25 2.31
CA PHE A 403 -12.14 -4.14 3.18
C PHE A 403 -12.11 -2.97 2.16
N SER A 404 -12.41 -1.72 2.52
CA SER A 404 -12.34 -0.64 1.49
C SER A 404 -11.16 0.33 1.68
N ALA A 405 -11.11 1.46 0.96
CA ALA A 405 -9.96 2.37 1.11
C ALA A 405 -10.15 3.69 1.87
N GLY A 406 -11.33 4.30 1.75
CA GLY A 406 -11.61 5.56 2.44
C GLY A 406 -11.47 5.42 3.94
N LYS A 407 -11.87 6.43 4.73
CA LYS A 407 -11.73 6.29 6.18
C LYS A 407 -12.74 5.26 6.64
N ARG A 408 -13.69 4.94 5.77
CA ARG A 408 -14.65 3.90 6.07
C ARG A 408 -13.94 2.64 5.56
N LYS A 409 -12.89 2.25 6.30
CA LYS A 409 -12.07 1.13 5.94
C LYS A 409 -12.16 0.18 7.09
N CYS A 410 -11.63 -1.00 6.89
CA CYS A 410 -11.69 -2.01 7.93
C CYS A 410 -10.46 -2.02 8.84
N PRO A 411 -10.55 -1.39 10.03
CA PRO A 411 -9.46 -1.30 11.00
C PRO A 411 -8.77 -2.62 11.34
N SER A 412 -9.45 -3.74 11.08
CA SER A 412 -8.89 -5.05 11.40
C SER A 412 -8.31 -5.82 10.23
N ASP A 413 -8.02 -5.10 9.14
CA ASP A 413 -7.44 -5.74 7.97
C ASP A 413 -6.25 -6.55 8.41
N HIS A 414 -5.44 -5.94 9.27
CA HIS A 414 -4.25 -6.60 9.77
C HIS A 414 -4.74 -7.63 10.76
N PHE A 415 -5.62 -7.20 11.64
CA PHE A 415 -6.13 -8.06 12.68
C PHE A 415 -6.77 -9.35 12.18
N SER A 416 -7.52 -9.26 11.09
CA SER A 416 -8.23 -10.40 10.53
C SER A 416 -7.36 -11.44 9.85
N MET A 417 -6.64 -11.01 8.83
CA MET A 417 -5.75 -11.89 8.09
C MET A 417 -4.83 -12.62 9.03
N ALA A 418 -4.46 -11.96 10.12
CA ALA A 418 -3.58 -12.56 11.10
C ALA A 418 -4.24 -13.79 11.72
N GLN A 419 -5.42 -13.61 12.32
CA GLN A 419 -6.09 -14.74 12.94
C GLN A 419 -6.56 -15.75 11.89
N LEU A 420 -6.92 -15.28 10.69
CA LEU A 420 -7.36 -16.19 9.64
C LEU A 420 -6.19 -17.05 9.15
N THR A 421 -5.05 -16.40 8.94
CA THR A 421 -3.88 -17.14 8.49
C THR A 421 -3.46 -18.11 9.56
N LEU A 422 -3.52 -17.65 10.81
CA LEU A 422 -3.17 -18.54 11.88
C LEU A 422 -4.13 -19.69 11.72
N ILE A 423 -5.42 -19.43 11.90
CA ILE A 423 -6.48 -20.45 11.80
C ILE A 423 -6.46 -21.33 10.56
N THR A 424 -6.06 -20.79 9.41
CA THR A 424 -6.00 -21.63 8.20
C THR A 424 -4.86 -22.63 8.30
N ALA A 425 -3.71 -22.15 8.76
CA ALA A 425 -2.50 -22.96 8.93
C ALA A 425 -2.62 -24.07 10.01
N ALA A 426 -3.12 -23.72 11.18
CA ALA A 426 -3.29 -24.69 12.25
C ALA A 426 -4.11 -25.90 11.75
N LEU A 427 -5.29 -25.63 11.17
CA LEU A 427 -6.20 -26.67 10.68
C LEU A 427 -5.66 -27.54 9.56
N ALA A 428 -5.28 -26.91 8.45
CA ALA A 428 -4.73 -27.65 7.33
C ALA A 428 -3.55 -28.56 7.77
N THR A 429 -2.71 -28.05 8.69
CA THR A 429 -1.55 -28.83 9.17
C THR A 429 -1.95 -30.16 9.80
N LYS A 430 -2.74 -30.10 10.87
CA LYS A 430 -3.14 -31.32 11.55
C LYS A 430 -4.19 -32.17 10.83
N TYR A 431 -5.04 -31.57 10.01
CA TYR A 431 -6.03 -32.36 9.31
C TYR A 431 -5.99 -32.25 7.83
N ARG A 432 -7.12 -32.68 7.30
CA ARG A 432 -7.39 -32.66 5.90
C ARG A 432 -8.90 -32.63 6.06
N PHE A 433 -9.55 -31.73 5.35
CA PHE A 433 -10.99 -31.63 5.45
C PHE A 433 -11.69 -32.18 4.25
N GLU A 434 -12.80 -32.83 4.56
CA GLU A 434 -13.63 -33.52 3.59
C GLU A 434 -15.05 -33.14 3.90
N GLN A 435 -15.81 -32.87 2.85
CA GLN A 435 -17.20 -32.44 3.00
C GLN A 435 -18.30 -33.51 3.00
N VAL A 436 -18.85 -33.79 4.19
CA VAL A 436 -19.92 -34.78 4.36
C VAL A 436 -20.89 -34.77 3.19
N ALA A 437 -21.25 -35.93 2.70
CA ALA A 437 -22.21 -35.98 1.62
C ALA A 437 -23.45 -35.33 2.20
N GLY A 438 -24.32 -34.73 1.38
CA GLY A 438 -25.51 -34.11 1.94
C GLY A 438 -25.27 -32.71 2.48
N SER A 439 -24.00 -32.31 2.51
CA SER A 439 -23.61 -30.99 2.99
C SER A 439 -24.15 -29.96 2.00
N ASN A 440 -24.63 -28.84 2.50
CA ASN A 440 -25.18 -27.84 1.61
C ASN A 440 -24.37 -26.60 1.56
N ASP A 441 -23.49 -26.55 0.57
CA ASP A 441 -22.61 -25.43 0.38
C ASP A 441 -23.15 -24.43 -0.65
N ALA A 442 -24.46 -24.32 -0.75
CA ALA A 442 -25.05 -23.36 -1.68
C ALA A 442 -25.20 -22.09 -0.87
N VAL A 443 -24.82 -20.96 -1.46
CA VAL A 443 -24.83 -19.69 -0.77
C VAL A 443 -26.18 -19.18 -0.29
N ARG A 444 -26.14 -18.53 0.87
CA ARG A 444 -27.30 -17.92 1.50
C ARG A 444 -27.00 -16.42 1.54
N VAL A 445 -27.71 -15.62 0.75
CA VAL A 445 -27.42 -14.19 0.73
C VAL A 445 -28.08 -13.40 1.89
N GLY A 446 -27.29 -13.01 2.87
CA GLY A 446 -27.84 -12.27 3.99
C GLY A 446 -27.05 -10.99 4.21
N ILE A 447 -26.77 -10.68 5.48
CA ILE A 447 -26.00 -9.50 5.82
C ILE A 447 -24.66 -9.69 5.12
N THR A 448 -24.16 -10.92 5.21
CA THR A 448 -22.91 -11.35 4.63
C THR A 448 -23.29 -12.60 3.82
N LEU A 449 -22.38 -13.17 3.03
CA LEU A 449 -22.62 -14.42 2.24
C LEU A 449 -22.07 -15.67 2.91
N ARG A 450 -22.94 -16.52 3.44
CA ARG A 450 -22.51 -17.74 4.09
C ARG A 450 -23.20 -18.98 3.52
N PRO A 451 -22.64 -20.17 3.75
CA PRO A 451 -23.18 -21.46 3.26
C PRO A 451 -24.37 -21.90 4.12
N HIS A 452 -25.51 -22.19 3.49
CA HIS A 452 -26.70 -22.61 4.24
C HIS A 452 -26.42 -23.71 5.24
N ASP A 453 -25.67 -24.72 4.81
CA ASP A 453 -25.37 -25.83 5.69
C ASP A 453 -24.10 -26.54 5.30
N LEU A 454 -22.96 -25.96 5.64
CA LEU A 454 -21.69 -26.58 5.31
C LEU A 454 -21.29 -27.62 6.37
N LEU A 455 -21.15 -28.87 5.92
CA LEU A 455 -20.80 -29.97 6.78
C LEU A 455 -19.46 -30.52 6.39
N VAL A 456 -18.47 -30.53 7.30
CA VAL A 456 -17.18 -31.15 6.95
C VAL A 456 -16.59 -32.02 8.08
N ARG A 457 -15.76 -32.98 7.68
CA ARG A 457 -15.14 -33.89 8.63
C ARG A 457 -13.63 -33.88 8.64
N PRO A 458 -13.03 -33.53 9.77
CA PRO A 458 -11.57 -33.51 9.79
C PRO A 458 -11.09 -34.94 9.71
N VAL A 459 -10.14 -35.18 8.82
CA VAL A 459 -9.57 -36.50 8.66
C VAL A 459 -8.15 -36.33 9.15
N ALA A 460 -7.55 -37.41 9.62
CA ALA A 460 -6.20 -37.35 10.14
C ALA A 460 -5.08 -37.32 9.09
N ARG A 461 -4.27 -36.25 9.10
CA ARG A 461 -3.14 -36.10 8.17
C ARG A 461 -1.88 -36.65 8.85
N HIS A 462 -1.35 -37.78 8.36
CA HIS A 462 -0.15 -38.40 8.95
C HIS A 462 -0.34 -38.64 10.46
N ARG B 22 5.62 -20.66 -24.64
CA ARG B 22 6.93 -19.94 -24.47
C ARG B 22 7.50 -19.39 -25.78
N GLU B 23 7.83 -18.09 -25.78
CA GLU B 23 8.38 -17.44 -26.96
C GLU B 23 9.47 -16.42 -26.60
N PRO B 24 10.61 -16.43 -27.33
CA PRO B 24 11.69 -15.47 -27.05
C PRO B 24 11.41 -14.05 -27.60
N PRO B 25 11.89 -13.02 -26.87
CA PRO B 25 11.66 -11.63 -27.29
C PRO B 25 12.03 -11.29 -28.74
N VAL B 26 11.44 -10.21 -29.23
CA VAL B 26 11.67 -9.72 -30.58
C VAL B 26 12.84 -8.74 -30.50
N ALA B 27 13.53 -8.51 -31.60
CA ALA B 27 14.65 -7.57 -31.59
C ALA B 27 14.11 -6.16 -31.95
N GLY B 28 14.93 -5.10 -31.87
CA GLY B 28 14.46 -3.74 -32.16
C GLY B 28 14.90 -2.97 -33.43
N GLY B 29 16.16 -2.54 -33.50
CA GLY B 29 16.67 -1.82 -34.65
C GLY B 29 17.96 -1.00 -34.47
N GLY B 30 19.13 -1.57 -34.80
CA GLY B 30 20.40 -0.87 -34.65
C GLY B 30 21.47 -1.04 -35.74
N VAL B 31 22.74 -0.96 -35.36
CA VAL B 31 23.84 -1.05 -36.33
C VAL B 31 24.87 -2.16 -36.10
N PRO B 32 25.81 -2.34 -37.07
CA PRO B 32 26.86 -3.35 -36.98
C PRO B 32 27.50 -3.67 -35.63
N LEU B 33 28.60 -3.01 -35.27
CA LEU B 33 29.32 -3.32 -34.03
C LEU B 33 28.74 -2.80 -32.73
N LEU B 34 27.69 -2.04 -32.91
CA LEU B 34 27.02 -1.41 -31.80
C LEU B 34 25.58 -1.16 -32.15
N GLY B 35 24.85 -2.24 -32.33
CA GLY B 35 23.45 -2.13 -32.72
C GLY B 35 22.68 -0.95 -32.20
N HIS B 36 21.91 -1.23 -31.17
CA HIS B 36 21.11 -0.22 -30.55
C HIS B 36 22.05 0.70 -29.86
N GLY B 37 23.25 0.23 -29.58
CA GLY B 37 24.21 1.07 -28.88
C GLY B 37 24.34 2.46 -29.46
N TRP B 38 23.86 2.67 -30.69
CA TRP B 38 23.97 3.97 -31.33
C TRP B 38 22.72 4.81 -31.18
N ARG B 39 21.57 4.24 -31.45
CA ARG B 39 20.37 5.02 -31.29
C ARG B 39 20.39 5.52 -29.85
N LEU B 40 20.66 4.60 -28.92
CA LEU B 40 20.72 4.86 -27.48
C LEU B 40 21.61 6.07 -27.19
N ALA B 41 22.78 6.14 -27.84
CA ALA B 41 23.75 7.22 -27.65
C ALA B 41 23.32 8.57 -28.18
N ARG B 42 22.65 8.55 -29.32
CA ARG B 42 22.30 9.81 -29.86
C ARG B 42 21.20 10.41 -29.02
N ASP B 43 20.36 9.56 -28.42
CA ASP B 43 19.22 10.02 -27.60
C ASP B 43 18.67 8.92 -26.68
N PRO B 44 19.09 8.89 -25.42
CA PRO B 44 18.61 7.87 -24.51
C PRO B 44 17.11 7.87 -24.31
N LEU B 45 16.63 8.88 -23.59
CA LEU B 45 15.20 9.01 -23.30
C LEU B 45 14.29 8.58 -24.46
N ALA B 46 14.45 9.22 -25.61
CA ALA B 46 13.64 8.86 -26.76
C ALA B 46 13.73 7.36 -27.03
N PHE B 47 14.93 6.78 -26.98
CA PHE B 47 15.04 5.35 -27.26
C PHE B 47 14.22 4.53 -26.30
N MET B 48 14.15 4.97 -25.05
CA MET B 48 13.40 4.29 -23.99
C MET B 48 11.89 4.35 -24.11
N SER B 49 11.40 5.36 -24.81
CA SER B 49 9.98 5.47 -25.02
C SER B 49 9.65 4.67 -26.30
N GLN B 50 10.61 4.63 -27.24
CA GLN B 50 10.45 3.94 -28.52
C GLN B 50 10.15 2.48 -28.27
N LEU B 51 11.17 1.76 -27.80
CA LEU B 51 11.06 0.35 -27.46
C LEU B 51 9.64 -0.08 -27.05
N ARG B 52 8.96 0.75 -26.27
CA ARG B 52 7.60 0.49 -25.77
C ARG B 52 6.61 -0.26 -26.69
N ASP B 53 6.56 0.14 -27.96
CA ASP B 53 5.66 -0.45 -28.93
C ASP B 53 6.21 -1.72 -29.58
N HIS B 54 7.54 -1.90 -29.55
CA HIS B 54 8.22 -3.07 -30.12
C HIS B 54 7.80 -4.40 -29.48
N GLY B 55 6.88 -4.35 -28.50
CA GLY B 55 6.44 -5.55 -27.82
C GLY B 55 6.55 -5.39 -26.31
N ASP B 56 5.77 -6.15 -25.53
CA ASP B 56 5.81 -6.05 -24.06
C ASP B 56 7.22 -6.22 -23.53
N VAL B 57 7.96 -7.08 -24.20
CA VAL B 57 9.34 -7.29 -23.84
C VAL B 57 10.06 -7.44 -25.19
N VAL B 58 11.18 -6.72 -25.34
CA VAL B 58 11.99 -6.78 -26.55
C VAL B 58 13.46 -6.99 -26.24
N ARG B 59 14.17 -7.55 -27.20
CA ARG B 59 15.57 -7.81 -26.98
C ARG B 59 16.34 -6.83 -27.80
N ILE B 60 17.31 -6.19 -27.15
CA ILE B 60 18.17 -5.22 -27.79
C ILE B 60 19.61 -5.67 -27.52
N LYS B 61 20.52 -5.33 -28.44
CA LYS B 61 21.93 -5.69 -28.32
C LYS B 61 22.81 -4.46 -28.31
N LEU B 62 23.57 -4.25 -27.26
CA LEU B 62 24.44 -3.10 -27.23
C LEU B 62 25.75 -3.69 -27.67
N GLY B 63 26.08 -3.58 -28.95
CA GLY B 63 27.29 -4.21 -29.42
C GLY B 63 27.01 -5.72 -29.36
N PRO B 64 28.03 -6.58 -29.07
CA PRO B 64 27.90 -8.04 -28.98
C PRO B 64 26.86 -8.64 -28.00
N LYS B 65 26.72 -8.09 -26.79
CA LYS B 65 25.78 -8.63 -25.81
C LYS B 65 24.36 -8.04 -25.89
N THR B 66 23.42 -8.91 -25.56
CA THR B 66 21.98 -8.62 -25.57
C THR B 66 21.37 -8.46 -24.18
N VAL B 67 20.46 -7.50 -24.06
CA VAL B 67 19.81 -7.29 -22.79
C VAL B 67 18.35 -7.25 -23.17
N TYR B 68 17.48 -7.55 -22.22
CA TYR B 68 16.06 -7.53 -22.51
C TYR B 68 15.48 -6.31 -21.88
N ALA B 69 14.47 -5.76 -22.55
CA ALA B 69 13.83 -4.57 -22.06
C ALA B 69 12.38 -4.91 -21.74
N VAL B 70 11.90 -4.43 -20.60
CA VAL B 70 10.52 -4.67 -20.19
C VAL B 70 9.76 -3.34 -20.25
N THR B 71 8.87 -3.20 -21.25
CA THR B 71 8.11 -1.95 -21.45
C THR B 71 6.64 -1.91 -21.01
N ASN B 72 6.26 -2.75 -20.04
CA ASN B 72 4.87 -2.78 -19.58
C ASN B 72 4.79 -2.66 -18.06
N PRO B 73 4.06 -1.65 -17.57
CA PRO B 73 3.90 -1.41 -16.12
C PRO B 73 3.68 -2.69 -15.34
N GLU B 74 2.82 -3.56 -15.86
CA GLU B 74 2.50 -4.81 -15.20
C GLU B 74 3.73 -5.71 -15.09
N LEU B 75 4.43 -5.91 -16.21
CA LEU B 75 5.63 -6.77 -16.22
C LEU B 75 6.80 -6.15 -15.46
N THR B 76 6.84 -4.82 -15.41
CA THR B 76 7.90 -4.10 -14.71
C THR B 76 7.71 -4.24 -13.21
N GLY B 77 6.45 -4.39 -12.81
CA GLY B 77 6.14 -4.56 -11.40
C GLY B 77 6.41 -6.00 -11.00
N ALA B 78 6.07 -6.92 -11.89
CA ALA B 78 6.30 -8.34 -11.66
C ALA B 78 7.80 -8.45 -11.51
N LEU B 79 8.45 -7.87 -12.50
CA LEU B 79 9.88 -7.80 -12.58
C LEU B 79 10.51 -7.39 -11.26
N ALA B 80 10.04 -6.27 -10.74
CA ALA B 80 10.55 -5.70 -9.50
C ALA B 80 10.15 -6.48 -8.27
N LEU B 81 8.90 -6.97 -8.29
CA LEU B 81 8.36 -7.72 -7.18
C LEU B 81 8.73 -9.20 -7.17
N ASN B 82 9.45 -9.62 -8.21
CA ASN B 82 9.87 -11.00 -8.24
C ASN B 82 11.26 -11.11 -7.63
N PRO B 83 11.43 -12.00 -6.64
CA PRO B 83 12.69 -12.26 -5.92
C PRO B 83 13.71 -12.99 -6.77
N ASP B 84 13.34 -13.32 -7.99
CA ASP B 84 14.22 -14.05 -8.92
C ASP B 84 15.15 -13.19 -9.76
N TYR B 85 15.23 -11.90 -9.46
CA TYR B 85 16.11 -11.06 -10.25
C TYR B 85 17.17 -10.37 -9.40
N HIS B 86 18.38 -10.91 -9.38
CA HIS B 86 19.43 -10.29 -8.60
C HIS B 86 19.76 -9.00 -9.35
N ILE B 87 20.41 -8.05 -8.69
CA ILE B 87 20.69 -6.77 -9.30
C ILE B 87 22.09 -6.48 -9.77
N ALA B 88 22.76 -7.46 -10.35
CA ALA B 88 24.08 -7.20 -10.87
C ALA B 88 23.76 -6.19 -11.98
N GLY B 89 22.67 -6.43 -12.73
CA GLY B 89 22.26 -5.54 -13.81
C GLY B 89 23.40 -4.91 -14.58
N PRO B 90 24.07 -5.65 -15.52
CA PRO B 90 25.21 -5.46 -16.44
C PRO B 90 25.66 -4.03 -16.85
N LEU B 91 24.75 -3.09 -16.82
CA LEU B 91 25.08 -1.74 -17.18
C LEU B 91 24.74 -0.92 -15.95
N TRP B 92 25.25 -1.40 -14.82
CA TRP B 92 25.10 -0.85 -13.47
C TRP B 92 26.27 -1.44 -12.63
N GLU B 93 26.40 -2.78 -12.68
CA GLU B 93 27.47 -3.53 -11.99
C GLU B 93 28.79 -3.55 -12.78
N SER B 94 28.83 -2.87 -13.92
CA SER B 94 30.05 -2.75 -14.72
C SER B 94 30.75 -1.57 -14.02
N LEU B 95 29.91 -0.83 -13.28
CA LEU B 95 30.28 0.33 -12.47
C LEU B 95 30.29 -0.06 -10.99
N GLU B 96 29.40 -0.97 -10.61
CA GLU B 96 29.30 -1.46 -9.23
C GLU B 96 30.47 -2.39 -8.93
N GLY B 97 31.06 -2.93 -10.00
CA GLY B 97 32.21 -3.81 -9.86
C GLY B 97 33.37 -2.89 -9.61
N LEU B 98 33.18 -1.64 -10.02
CA LEU B 98 34.17 -0.60 -9.81
C LEU B 98 33.72 0.09 -8.53
N LEU B 99 32.41 0.08 -8.28
CA LEU B 99 31.82 0.69 -7.09
C LEU B 99 32.35 -0.05 -5.87
N GLY B 100 33.13 -1.09 -6.13
CA GLY B 100 33.76 -1.86 -5.08
C GLY B 100 35.13 -1.28 -4.94
N LYS B 101 35.17 0.05 -4.96
CA LYS B 101 36.39 0.82 -4.86
C LYS B 101 36.00 2.21 -5.34
N GLU B 102 35.28 2.25 -6.45
CA GLU B 102 34.84 3.51 -7.03
C GLU B 102 33.79 4.20 -6.16
N GLY B 103 32.81 3.46 -5.67
CA GLY B 103 31.81 4.12 -4.87
C GLY B 103 31.47 3.33 -3.63
N VAL B 104 30.27 2.76 -3.63
CA VAL B 104 29.70 1.93 -2.55
C VAL B 104 30.73 1.08 -1.81
N ALA B 105 31.68 0.52 -2.55
CA ALA B 105 32.73 -0.37 -2.09
C ALA B 105 32.29 -1.77 -2.48
N THR B 106 32.80 -2.80 -1.82
CA THR B 106 32.44 -4.16 -2.19
C THR B 106 30.94 -4.51 -2.16
N ALA B 107 30.36 -4.60 -3.36
CA ALA B 107 28.97 -4.98 -3.59
C ALA B 107 27.87 -3.92 -3.52
N ASN B 108 26.76 -4.39 -2.95
CA ASN B 108 25.53 -3.66 -2.71
C ASN B 108 24.56 -4.82 -2.68
N GLY B 109 23.55 -4.71 -1.83
CA GLY B 109 22.58 -5.78 -1.69
C GLY B 109 22.67 -7.04 -2.54
N PRO B 110 23.68 -7.92 -2.36
CA PRO B 110 23.69 -9.13 -3.20
C PRO B 110 22.50 -9.90 -2.63
N LEU B 111 22.67 -11.11 -2.10
CA LEU B 111 21.49 -11.73 -1.49
C LEU B 111 21.53 -11.60 0.04
N HIS B 112 21.31 -12.69 0.77
CA HIS B 112 21.27 -12.63 2.24
C HIS B 112 20.40 -11.46 2.72
N ARG B 113 20.75 -10.25 2.31
CA ARG B 113 20.03 -9.05 2.70
C ARG B 113 20.18 -9.02 4.19
N ARG B 114 19.55 -9.99 4.87
CA ARG B 114 19.57 -10.16 6.33
C ARG B 114 20.37 -9.08 7.03
N GLN B 115 21.68 -9.08 6.81
CA GLN B 115 22.53 -8.07 7.42
C GLN B 115 22.13 -6.71 6.81
N ARG B 116 20.90 -6.62 6.30
CA ARG B 116 20.41 -5.39 5.69
C ARG B 116 18.96 -5.00 6.02
N ARG B 117 18.37 -5.65 7.02
CA ARG B 117 17.03 -5.21 7.43
C ARG B 117 17.46 -4.16 8.44
N THR B 118 18.75 -4.23 8.77
CA THR B 118 19.37 -3.32 9.74
C THR B 118 18.91 -1.91 9.46
N ILE B 119 18.89 -1.58 8.17
CA ILE B 119 18.51 -0.27 7.66
C ILE B 119 17.08 0.16 7.90
N GLN B 120 16.15 -0.77 7.79
CA GLN B 120 14.73 -0.47 7.97
C GLN B 120 14.38 0.36 9.18
N PRO B 121 14.92 0.03 10.37
CA PRO B 121 14.68 0.74 11.62
C PRO B 121 14.89 2.24 11.53
N ALA B 122 15.84 2.63 10.69
CA ALA B 122 16.16 4.04 10.50
C ALA B 122 15.27 4.70 9.45
N PHE B 123 14.73 3.93 8.51
CA PHE B 123 13.92 4.52 7.46
C PHE B 123 12.44 4.26 7.45
N ARG B 124 11.90 3.69 8.52
CA ARG B 124 10.46 3.41 8.57
C ARG B 124 9.64 4.68 8.80
N LEU B 125 8.31 4.55 8.93
CA LEU B 125 7.44 5.72 9.16
C LEU B 125 7.56 6.24 10.56
N ASP B 126 8.16 5.43 11.42
CA ASP B 126 8.34 5.75 12.82
C ASP B 126 9.57 6.61 13.19
N ALA B 127 10.66 6.49 12.44
CA ALA B 127 11.90 7.22 12.74
C ALA B 127 12.08 8.54 11.99
N ILE B 128 11.12 8.84 11.11
CA ILE B 128 11.17 10.06 10.33
C ILE B 128 10.64 11.28 11.12
N PRO B 129 9.57 11.11 11.93
CA PRO B 129 9.09 12.28 12.68
C PRO B 129 10.17 12.81 13.63
N ALA B 130 11.20 12.00 13.90
CA ALA B 130 12.31 12.37 14.80
C ALA B 130 13.40 13.18 14.08
N TYR B 131 13.39 13.09 12.76
CA TYR B 131 14.34 13.82 11.94
C TYR B 131 13.64 15.14 11.61
N GLY B 132 12.31 15.13 11.67
CA GLY B 132 11.47 16.29 11.39
C GLY B 132 12.09 17.65 11.63
N PRO B 133 12.57 17.94 12.86
CA PRO B 133 13.19 19.21 13.20
C PRO B 133 14.38 19.55 12.33
N ILE B 134 15.26 18.59 12.06
CA ILE B 134 16.41 18.91 11.21
C ILE B 134 15.89 19.25 9.83
N MET B 135 14.86 18.53 9.41
CA MET B 135 14.25 18.76 8.11
C MET B 135 13.72 20.18 8.09
N GLU B 136 12.71 20.43 8.90
CA GLU B 136 12.10 21.76 9.00
C GLU B 136 13.19 22.83 9.04
N GLU B 137 14.23 22.56 9.83
CA GLU B 137 15.35 23.48 9.99
C GLU B 137 16.19 23.65 8.74
N GLU B 138 16.31 22.60 7.95
CA GLU B 138 17.09 22.72 6.72
C GLU B 138 16.34 23.52 5.69
N ALA B 139 15.03 23.25 5.59
CA ALA B 139 14.17 23.91 4.64
C ALA B 139 14.17 25.40 4.85
N HIS B 140 13.42 25.82 5.87
CA HIS B 140 13.34 27.24 6.17
C HIS B 140 14.72 27.86 6.09
N ALA B 141 15.76 27.06 6.22
CA ALA B 141 17.14 27.55 6.14
C ALA B 141 17.38 28.08 4.74
N LEU B 142 16.91 27.36 3.73
CA LEU B 142 17.07 27.80 2.33
C LEU B 142 16.28 29.10 2.04
N THR B 143 15.21 29.28 2.81
CA THR B 143 14.32 30.43 2.73
C THR B 143 14.95 31.81 2.98
N GLU B 144 15.86 31.88 3.93
CA GLU B 144 16.51 33.13 4.23
C GLU B 144 17.77 33.15 3.41
N ARG B 145 18.26 31.96 3.03
CA ARG B 145 19.50 31.80 2.25
C ARG B 145 19.36 32.26 0.81
N TRP B 146 18.20 31.99 0.18
CA TRP B 146 17.95 32.45 -1.19
C TRP B 146 17.14 33.72 -1.03
N GLN B 147 17.60 34.81 -1.59
CA GLN B 147 16.81 36.00 -1.42
C GLN B 147 16.30 36.47 -2.77
N PRO B 148 15.30 37.35 -2.76
CA PRO B 148 14.79 37.83 -4.04
C PRO B 148 15.83 38.60 -4.87
N GLY B 149 15.80 38.42 -6.18
CA GLY B 149 16.73 39.15 -7.04
C GLY B 149 17.89 38.35 -7.60
N LYS B 150 18.54 37.60 -6.72
CA LYS B 150 19.68 36.79 -7.12
C LYS B 150 19.31 35.38 -7.59
N THR B 151 19.58 35.05 -8.86
CA THR B 151 19.26 33.71 -9.36
C THR B 151 19.95 32.68 -8.49
N VAL B 152 19.27 31.55 -8.28
CA VAL B 152 19.78 30.46 -7.47
C VAL B 152 20.48 29.46 -8.38
N ASP B 153 21.64 28.96 -7.96
CA ASP B 153 22.33 27.98 -8.77
C ASP B 153 21.80 26.60 -8.36
N ALA B 154 20.79 26.15 -9.08
CA ALA B 154 20.13 24.88 -8.80
C ALA B 154 21.07 23.70 -8.63
N THR B 155 22.05 23.57 -9.51
CA THR B 155 22.97 22.46 -9.45
C THR B 155 23.78 22.39 -8.18
N SER B 156 24.33 23.53 -7.79
CA SER B 156 25.16 23.62 -6.60
C SER B 156 24.26 23.66 -5.34
N GLU B 157 23.23 24.47 -5.38
CA GLU B 157 22.31 24.63 -4.25
C GLU B 157 21.43 23.42 -3.90
N SER B 158 21.02 22.63 -4.91
CA SER B 158 20.15 21.45 -4.70
C SER B 158 20.91 20.32 -4.08
N PHE B 159 22.12 20.14 -4.61
CA PHE B 159 23.03 19.11 -4.15
C PHE B 159 23.40 19.34 -2.68
N ARG B 160 23.29 20.58 -2.20
CA ARG B 160 23.64 20.86 -0.81
C ARG B 160 22.55 20.54 0.21
N VAL B 161 21.33 21.03 0.00
CA VAL B 161 20.25 20.76 0.95
C VAL B 161 20.15 19.27 0.96
N ALA B 162 20.54 18.68 -0.16
CA ALA B 162 20.49 17.24 -0.34
C ALA B 162 21.29 16.52 0.72
N VAL B 163 22.62 16.67 0.63
CA VAL B 163 23.58 16.07 1.57
C VAL B 163 23.30 16.50 3.01
N ARG B 164 22.99 17.78 3.21
CA ARG B 164 22.70 18.32 4.53
C ARG B 164 21.58 17.56 5.22
N VAL B 165 20.43 17.45 4.55
CA VAL B 165 19.30 16.74 5.13
C VAL B 165 19.67 15.29 5.42
N ALA B 166 20.24 14.62 4.41
CA ALA B 166 20.60 13.22 4.51
C ALA B 166 21.61 12.93 5.61
N ALA B 167 22.77 13.58 5.53
CA ALA B 167 23.79 13.37 6.55
C ALA B 167 23.35 13.76 7.97
N ARG B 168 22.77 14.96 8.14
CA ARG B 168 22.36 15.43 9.46
C ARG B 168 21.22 14.65 10.10
N CYS B 169 20.45 13.93 9.27
CA CYS B 169 19.35 13.08 9.72
C CYS B 169 19.87 11.68 9.99
N LEU B 170 20.62 11.15 9.03
CA LEU B 170 21.19 9.80 9.14
C LEU B 170 22.45 9.74 10.03
N LEU B 171 22.88 10.89 10.55
CA LEU B 171 24.08 10.99 11.41
C LEU B 171 24.01 12.36 12.13
N ARG B 172 24.26 12.40 13.44
CA ARG B 172 24.13 13.68 14.12
C ARG B 172 25.34 14.06 14.92
N GLY B 173 25.48 15.35 15.26
CA GLY B 173 26.59 15.77 16.09
C GLY B 173 27.61 16.67 15.41
N GLN B 174 28.84 16.20 15.26
CA GLN B 174 29.90 16.99 14.64
C GLN B 174 29.54 17.25 13.21
N TYR B 175 29.66 18.50 12.79
CA TYR B 175 29.23 18.79 11.44
C TYR B 175 30.15 18.70 10.26
N MET B 176 29.64 17.90 9.34
CA MET B 176 30.21 17.53 8.06
C MET B 176 29.91 18.65 7.07
N ASP B 177 29.17 19.65 7.56
CA ASP B 177 28.76 20.83 6.80
C ASP B 177 29.17 20.84 5.32
N GLU B 178 29.82 21.91 4.91
CA GLU B 178 30.25 22.09 3.53
C GLU B 178 31.32 21.13 3.03
N ARG B 179 32.04 20.47 3.93
CA ARG B 179 33.09 19.55 3.52
C ARG B 179 32.57 18.35 2.73
N ALA B 180 31.60 17.63 3.29
CA ALA B 180 31.04 16.49 2.60
C ALA B 180 30.49 17.00 1.27
N GLU B 181 29.69 18.06 1.33
CA GLU B 181 29.11 18.65 0.13
C GLU B 181 30.11 18.68 -1.02
N ARG B 182 31.13 19.53 -0.86
CA ARG B 182 32.20 19.74 -1.82
C ARG B 182 32.79 18.50 -2.45
N LEU B 183 33.08 17.51 -1.61
CA LEU B 183 33.65 16.24 -2.03
C LEU B 183 32.69 15.53 -2.95
N CYS B 184 31.45 15.42 -2.51
CA CYS B 184 30.42 14.80 -3.31
C CYS B 184 30.18 15.63 -4.55
N VAL B 185 30.42 16.94 -4.43
CA VAL B 185 30.26 17.86 -5.55
C VAL B 185 31.37 17.58 -6.56
N ALA B 186 32.63 17.72 -6.12
CA ALA B 186 33.78 17.46 -6.99
C ALA B 186 33.73 16.00 -7.44
N LEU B 187 32.78 15.26 -6.87
CA LEU B 187 32.61 13.86 -7.20
C LEU B 187 31.57 13.65 -8.31
N ALA B 188 30.31 13.93 -7.98
CA ALA B 188 29.23 13.76 -8.93
C ALA B 188 29.51 14.34 -10.32
N THR B 189 30.31 15.41 -10.39
CA THR B 189 30.60 16.05 -11.68
C THR B 189 31.57 15.24 -12.54
N VAL B 190 32.33 14.38 -11.88
CA VAL B 190 33.31 13.55 -12.55
C VAL B 190 32.56 12.55 -13.42
N PHE B 191 31.36 12.21 -12.98
CA PHE B 191 30.53 11.24 -13.67
C PHE B 191 29.84 11.71 -14.96
N ARG B 192 29.45 13.00 -15.01
CA ARG B 192 28.79 13.54 -16.20
C ARG B 192 29.73 13.58 -17.38
N GLY B 193 30.69 14.49 -17.31
CA GLY B 193 31.66 14.61 -18.38
C GLY B 193 33.06 14.48 -17.85
N LEU B 210 35.82 3.74 -15.96
CA LEU B 210 36.54 3.54 -14.70
C LEU B 210 37.12 4.85 -14.16
N PRO B 211 36.66 5.29 -12.97
CA PRO B 211 37.02 6.49 -12.21
C PRO B 211 37.76 7.62 -12.91
N ALA B 212 38.38 8.53 -12.17
CA ALA B 212 39.05 9.66 -12.85
C ALA B 212 40.45 10.16 -12.50
N ASN B 213 40.77 11.35 -13.06
CA ASN B 213 42.06 12.04 -12.98
C ASN B 213 42.66 12.76 -11.76
N ARG B 214 42.33 14.03 -11.56
CA ARG B 214 42.96 14.80 -10.46
C ARG B 214 42.26 15.16 -9.16
N ARG B 215 41.48 16.24 -9.17
CA ARG B 215 40.80 16.69 -7.95
C ARG B 215 39.68 15.73 -7.52
N PHE B 216 39.31 14.79 -8.38
CA PHE B 216 38.27 13.80 -8.03
C PHE B 216 38.94 12.88 -7.01
N ASN B 217 40.26 13.09 -6.90
CA ASN B 217 41.12 12.35 -5.99
C ASN B 217 41.04 13.10 -4.62
N ASP B 218 41.40 14.34 -4.60
CA ASP B 218 41.38 15.23 -3.39
C ASP B 218 39.98 15.31 -2.79
N ALA B 219 39.02 14.59 -3.32
CA ALA B 219 37.65 14.61 -2.84
C ALA B 219 37.28 13.24 -2.35
N LEU B 220 37.68 12.24 -3.10
CA LEU B 220 37.38 10.88 -2.74
C LEU B 220 38.01 10.56 -1.42
N ALA B 221 39.34 10.65 -1.39
CA ALA B 221 40.08 10.37 -0.18
C ALA B 221 39.46 11.17 0.96
N ASP B 222 39.22 12.45 0.71
CA ASP B 222 38.61 13.33 1.69
C ASP B 222 37.27 12.73 2.09
N LEU B 223 36.51 12.32 1.09
CA LEU B 223 35.22 11.72 1.33
C LEU B 223 35.30 10.52 2.26
N HIS B 224 36.35 9.72 2.15
CA HIS B 224 36.50 8.53 2.98
C HIS B 224 37.15 8.90 4.29
N LEU B 225 38.07 9.84 4.22
CA LEU B 225 38.80 10.34 5.39
C LEU B 225 37.74 10.75 6.42
N LEU B 226 36.84 11.61 5.98
CA LEU B 226 35.78 12.14 6.79
C LEU B 226 34.78 11.09 7.26
N VAL B 227 34.36 10.19 6.37
CA VAL B 227 33.36 9.16 6.74
C VAL B 227 33.89 8.40 7.91
N ASP B 228 35.18 8.09 7.85
CA ASP B 228 35.82 7.34 8.91
C ASP B 228 35.84 8.18 10.15
N GLU B 229 36.39 9.39 10.03
CA GLU B 229 36.46 10.33 11.14
C GLU B 229 35.08 10.35 11.80
N ILE B 230 34.06 10.55 10.98
CA ILE B 230 32.67 10.61 11.44
C ILE B 230 32.17 9.37 12.19
N ILE B 231 32.66 8.19 11.84
CA ILE B 231 32.23 6.99 12.53
C ILE B 231 32.90 6.97 13.88
N ALA B 232 34.14 7.47 13.89
CA ALA B 232 34.95 7.53 15.08
C ALA B 232 34.28 8.36 16.15
N GLU B 233 33.65 9.45 15.74
CA GLU B 233 33.00 10.34 16.69
C GLU B 233 31.70 9.89 17.36
N ARG B 234 30.87 9.09 16.71
CA ARG B 234 29.62 8.67 17.37
C ARG B 234 29.95 7.56 18.34
N ARG B 235 31.16 7.02 18.20
CA ARG B 235 31.61 5.96 19.09
C ARG B 235 31.62 6.48 20.54
N ALA B 236 31.89 7.78 20.75
CA ALA B 236 31.91 8.39 22.09
C ALA B 236 30.59 8.15 22.83
N SER B 237 29.55 8.91 22.52
CA SER B 237 28.30 8.65 23.23
C SER B 237 27.12 8.58 22.26
N GLY B 238 26.98 7.47 21.53
CA GLY B 238 25.91 7.34 20.56
C GLY B 238 24.58 6.81 21.03
N GLN B 239 24.25 7.12 22.27
CA GLN B 239 23.01 6.68 22.88
C GLN B 239 21.77 6.56 21.98
N LYS B 240 20.85 7.53 22.06
CA LYS B 240 19.59 7.55 21.28
C LYS B 240 19.69 7.64 19.76
N PRO B 241 20.85 8.05 19.22
CA PRO B 241 20.95 8.12 17.76
C PRO B 241 20.26 6.95 17.05
N ASP B 242 19.01 7.19 16.65
CA ASP B 242 18.21 6.19 15.94
C ASP B 242 18.67 6.18 14.48
N ASP B 243 19.40 7.23 14.12
CA ASP B 243 19.92 7.36 12.77
C ASP B 243 20.61 6.07 12.31
N LEU B 244 20.81 5.99 10.99
CA LEU B 244 21.44 4.84 10.36
C LEU B 244 22.81 4.52 10.96
N LEU B 245 23.58 5.53 11.34
CA LEU B 245 24.91 5.25 11.87
C LEU B 245 24.93 4.42 13.15
N THR B 246 23.98 4.62 14.04
CA THR B 246 23.95 3.85 15.28
C THR B 246 23.32 2.50 15.02
N ALA B 247 22.42 2.46 14.03
CA ALA B 247 21.79 1.21 13.67
C ALA B 247 22.80 0.38 12.87
N LEU B 248 23.76 1.05 12.20
CA LEU B 248 24.81 0.40 11.39
C LEU B 248 26.01 -0.01 12.26
N LEU B 249 26.01 0.47 13.51
CA LEU B 249 27.05 0.13 14.47
C LEU B 249 26.56 -1.00 15.41
N GLU B 250 25.30 -1.44 15.22
CA GLU B 250 24.68 -2.50 16.03
C GLU B 250 24.14 -3.74 15.25
N ALA B 251 24.87 -4.20 14.26
CA ALA B 251 24.42 -5.35 13.51
C ALA B 251 25.56 -6.36 13.37
N GLY B 260 31.40 -6.23 10.95
CA GLY B 260 32.30 -5.73 9.93
C GLY B 260 32.91 -4.37 10.25
N GLU B 261 34.22 -4.25 10.12
CA GLU B 261 34.91 -2.99 10.43
C GLU B 261 34.78 -1.97 9.31
N GLN B 262 35.15 -2.36 8.09
CA GLN B 262 35.03 -1.46 6.96
C GLN B 262 33.68 -1.65 6.24
N GLU B 263 32.83 -2.55 6.72
CA GLU B 263 31.52 -2.73 6.09
C GLU B 263 30.63 -1.51 6.39
N ILE B 264 30.84 -0.93 7.56
CA ILE B 264 30.08 0.24 7.97
C ILE B 264 30.52 1.48 7.16
N HIS B 265 31.84 1.74 7.12
CA HIS B 265 32.42 2.86 6.35
C HIS B 265 31.90 2.77 4.91
N ASP B 266 31.55 1.56 4.48
CA ASP B 266 31.05 1.34 3.14
C ASP B 266 29.52 1.42 3.10
N GLN B 267 28.86 0.82 4.08
CA GLN B 267 27.40 0.85 4.14
C GLN B 267 26.86 2.27 4.37
N VAL B 268 27.72 3.18 4.81
CA VAL B 268 27.27 4.56 4.99
C VAL B 268 27.52 5.24 3.64
N VAL B 269 28.76 5.13 3.17
CA VAL B 269 29.18 5.71 1.89
C VAL B 269 28.25 5.29 0.76
N ALA B 270 27.62 4.12 0.90
CA ALA B 270 26.74 3.57 -0.13
C ALA B 270 25.28 4.04 -0.04
N ILE B 271 24.87 4.45 1.15
CA ILE B 271 23.51 4.90 1.33
C ILE B 271 23.48 6.39 1.07
N LEU B 272 24.37 7.10 1.74
CA LEU B 272 24.43 8.52 1.60
C LEU B 272 24.65 8.95 0.15
N THR B 273 25.59 8.31 -0.55
CA THR B 273 25.89 8.67 -1.94
C THR B 273 24.71 8.77 -2.93
N PRO B 274 24.15 7.62 -3.38
CA PRO B 274 23.05 7.75 -4.34
C PRO B 274 21.96 8.59 -3.71
N GLY B 275 21.57 8.20 -2.51
CA GLY B 275 20.55 8.92 -1.80
C GLY B 275 20.54 10.43 -1.98
N SER B 276 21.72 11.02 -2.18
CA SER B 276 21.79 12.44 -2.35
C SER B 276 21.65 13.00 -3.76
N GLU B 277 22.33 12.42 -4.74
CA GLU B 277 22.17 12.97 -6.08
C GLU B 277 20.73 12.89 -6.51
N THR B 278 20.04 11.90 -5.98
CA THR B 278 18.64 11.71 -6.33
C THR B 278 17.73 12.77 -5.69
N ILE B 279 17.78 12.93 -4.36
CA ILE B 279 16.94 13.93 -3.71
C ILE B 279 17.36 15.30 -4.22
N ALA B 280 18.47 15.34 -4.96
CA ALA B 280 18.97 16.61 -5.48
C ALA B 280 18.39 16.91 -6.87
N SER B 281 18.60 16.00 -7.81
CA SER B 281 18.05 16.20 -9.14
C SER B 281 16.57 16.46 -8.91
N THR B 282 15.95 15.61 -8.10
CA THR B 282 14.53 15.76 -7.80
C THR B 282 14.23 17.22 -7.39
N ILE B 283 14.84 17.70 -6.32
CA ILE B 283 14.63 19.06 -5.85
C ILE B 283 14.73 20.00 -7.03
N MET B 284 15.72 19.76 -7.88
CA MET B 284 15.94 20.58 -9.07
C MET B 284 14.66 20.76 -9.90
N TRP B 285 14.16 19.65 -10.44
CA TRP B 285 12.95 19.67 -11.25
C TRP B 285 11.77 20.34 -10.56
N LEU B 286 11.76 20.27 -9.23
CA LEU B 286 10.70 20.89 -8.44
C LEU B 286 10.87 22.38 -8.50
N LEU B 287 12.11 22.82 -8.74
CA LEU B 287 12.36 24.24 -8.84
C LEU B 287 11.83 24.59 -10.21
N GLN B 288 12.24 23.84 -11.21
CA GLN B 288 11.72 24.09 -12.55
C GLN B 288 10.22 24.23 -12.43
N ALA B 289 9.63 23.29 -11.70
CA ALA B 289 8.19 23.24 -11.48
C ALA B 289 7.57 24.42 -10.74
N LEU B 290 8.19 24.88 -9.65
CA LEU B 290 7.63 26.02 -8.94
C LEU B 290 7.72 27.24 -9.82
N ALA B 291 8.75 27.31 -10.67
CA ALA B 291 8.90 28.46 -11.54
C ALA B 291 8.04 28.35 -12.81
N ASP B 292 7.70 27.13 -13.24
CA ASP B 292 6.89 26.88 -14.45
C ASP B 292 5.36 26.84 -14.33
N HIS B 293 4.86 26.78 -13.11
CA HIS B 293 3.41 26.75 -12.92
C HIS B 293 3.08 27.53 -11.68
N PRO B 294 3.17 28.86 -11.75
CA PRO B 294 2.90 29.81 -10.68
C PRO B 294 1.63 29.40 -9.93
N GLU B 295 0.64 29.02 -10.74
CA GLU B 295 -0.68 28.56 -10.32
C GLU B 295 -0.60 27.66 -9.09
N HIS B 296 -0.04 26.48 -9.28
CA HIS B 296 0.12 25.53 -8.19
C HIS B 296 1.00 26.16 -7.13
N ALA B 297 2.07 26.80 -7.60
CA ALA B 297 3.03 27.45 -6.73
C ALA B 297 2.24 28.18 -5.68
N ASP B 298 1.40 29.09 -6.15
CA ASP B 298 0.60 29.88 -5.25
C ASP B 298 -0.41 28.98 -4.57
N ARG B 299 -0.98 28.02 -5.30
CA ARG B 299 -1.94 27.11 -4.71
C ARG B 299 -1.28 26.39 -3.55
N ILE B 300 0.03 26.19 -3.65
CA ILE B 300 0.81 25.52 -2.60
C ILE B 300 1.01 26.45 -1.43
N ARG B 301 0.97 27.76 -1.68
CA ARG B 301 1.15 28.74 -0.62
C ARG B 301 -0.14 28.96 0.13
N ASP B 302 -1.26 28.55 -0.45
CA ASP B 302 -2.54 28.73 0.20
C ASP B 302 -2.77 27.54 1.11
N GLU B 303 -2.36 26.37 0.63
CA GLU B 303 -2.51 25.14 1.38
C GLU B 303 -1.69 25.15 2.67
N VAL B 304 -0.49 25.74 2.60
CA VAL B 304 0.43 25.84 3.74
C VAL B 304 -0.13 26.81 4.76
N GLU B 305 -0.42 28.03 4.32
CA GLU B 305 -0.98 29.04 5.20
C GLU B 305 -2.19 28.53 5.98
N ALA B 306 -3.15 27.94 5.28
CA ALA B 306 -4.35 27.42 5.93
C ALA B 306 -3.96 26.58 7.15
N VAL B 307 -3.35 25.43 6.85
CA VAL B 307 -2.91 24.48 7.88
C VAL B 307 -1.86 25.07 8.84
N THR B 308 -0.92 25.85 8.27
CA THR B 308 0.19 26.49 9.00
C THR B 308 -0.17 27.80 9.69
N GLY B 309 -1.28 28.40 9.30
CA GLY B 309 -1.65 29.67 9.88
C GLY B 309 -0.57 30.68 9.53
N GLY B 310 0.57 30.58 10.20
CA GLY B 310 1.68 31.48 9.93
C GLY B 310 2.99 30.76 10.21
N ARG B 311 3.03 30.06 11.34
CA ARG B 311 4.23 29.33 11.74
C ARG B 311 4.95 28.73 10.51
N PRO B 312 6.27 28.51 10.64
CA PRO B 312 7.03 27.93 9.53
C PRO B 312 6.65 26.45 9.40
N VAL B 313 6.36 25.98 8.19
CA VAL B 313 5.95 24.59 7.97
C VAL B 313 6.72 23.52 8.78
N ALA B 314 6.00 22.57 9.39
CA ALA B 314 6.63 21.49 10.17
C ALA B 314 6.09 20.09 9.85
N PHE B 315 6.95 19.09 9.96
CA PHE B 315 6.60 17.70 9.68
C PHE B 315 5.13 17.30 9.87
N GLU B 316 4.48 17.75 10.93
CA GLU B 316 3.08 17.39 11.16
C GLU B 316 2.14 17.94 10.10
N ASP B 317 2.54 19.08 9.53
CA ASP B 317 1.75 19.71 8.50
C ASP B 317 1.78 18.89 7.25
N VAL B 318 3.00 18.62 6.78
CA VAL B 318 3.23 17.87 5.55
C VAL B 318 2.16 16.82 5.34
N ARG B 319 1.92 16.04 6.37
CA ARG B 319 0.94 14.99 6.29
C ARG B 319 -0.44 15.54 5.95
N LYS B 320 -0.53 16.86 5.83
CA LYS B 320 -1.79 17.51 5.53
C LYS B 320 -1.79 18.21 4.16
N LEU B 321 -0.66 18.78 3.80
CA LEU B 321 -0.53 19.49 2.54
C LEU B 321 -0.68 18.59 1.32
N ARG B 322 -1.90 18.14 0.99
CA ARG B 322 -2.13 17.25 -0.17
C ARG B 322 -1.61 17.79 -1.51
N HIS B 323 -2.04 18.99 -1.86
CA HIS B 323 -1.62 19.59 -3.11
C HIS B 323 -0.11 19.73 -3.20
N THR B 324 0.56 19.92 -2.07
CA THR B 324 2.03 20.07 -2.08
C THR B 324 2.69 18.75 -2.43
N GLY B 325 2.03 17.65 -2.09
CA GLY B 325 2.55 16.33 -2.41
C GLY B 325 2.23 15.91 -3.84
N ASN B 326 1.11 16.41 -4.39
CA ASN B 326 0.68 16.10 -5.76
C ASN B 326 1.58 16.75 -6.78
N VAL B 327 1.92 17.99 -6.50
CA VAL B 327 2.83 18.75 -7.33
C VAL B 327 4.10 17.88 -7.43
N ILE B 328 4.78 17.72 -6.30
CA ILE B 328 6.01 16.94 -6.23
C ILE B 328 5.92 15.66 -7.05
N VAL B 329 4.98 14.80 -6.70
CA VAL B 329 4.83 13.57 -7.42
C VAL B 329 4.67 13.79 -8.91
N GLU B 330 3.69 14.59 -9.31
CA GLU B 330 3.45 14.83 -10.73
C GLU B 330 4.74 15.30 -11.36
N ALA B 331 5.45 16.15 -10.65
CA ALA B 331 6.72 16.60 -11.17
C ALA B 331 7.59 15.35 -11.36
N MET B 332 7.59 14.48 -10.36
CA MET B 332 8.35 13.23 -10.36
C MET B 332 7.98 12.22 -11.44
N ARG B 333 6.75 12.32 -11.95
CA ARG B 333 6.29 11.41 -12.99
C ARG B 333 6.83 11.85 -14.35
N LEU B 334 7.03 13.17 -14.49
CA LEU B 334 7.54 13.79 -15.71
C LEU B 334 9.06 13.89 -15.87
N ARG B 335 9.77 13.93 -14.76
CA ARG B 335 11.23 14.01 -14.80
C ARG B 335 11.73 13.18 -13.61
N PRO B 336 11.81 11.84 -13.78
CA PRO B 336 12.30 11.11 -12.61
C PRO B 336 13.81 11.09 -12.52
N ALA B 337 14.29 11.31 -11.30
CA ALA B 337 15.70 11.31 -11.05
C ALA B 337 16.14 10.02 -11.65
N VAL B 338 15.51 8.96 -11.20
CA VAL B 338 15.84 7.63 -11.66
C VAL B 338 15.00 7.21 -12.87
N TRP B 339 15.66 7.20 -14.04
CA TRP B 339 15.02 6.86 -15.32
C TRP B 339 15.30 5.45 -15.86
N VAL B 340 16.28 4.76 -15.30
CA VAL B 340 16.54 3.38 -15.72
C VAL B 340 16.87 2.45 -14.57
N LEU B 341 16.53 1.20 -14.81
CA LEU B 341 16.76 0.15 -13.86
C LEU B 341 17.08 -1.11 -14.61
N THR B 342 18.06 -1.85 -14.06
CA THR B 342 18.52 -3.11 -14.61
C THR B 342 18.39 -4.21 -13.56
N ARG B 343 18.25 -5.43 -14.05
CA ARG B 343 18.14 -6.57 -13.18
C ARG B 343 18.80 -7.67 -13.96
N ARG B 344 19.05 -8.78 -13.28
CA ARG B 344 19.67 -9.91 -13.91
C ARG B 344 18.92 -11.13 -13.44
N ALA B 345 18.30 -11.86 -14.37
CA ALA B 345 17.55 -13.05 -14.00
C ALA B 345 18.47 -14.14 -13.44
N VAL B 346 18.02 -14.76 -12.35
CA VAL B 346 18.78 -15.81 -11.74
C VAL B 346 18.31 -17.10 -12.41
N ALA B 347 17.00 -17.25 -12.54
CA ALA B 347 16.45 -18.45 -13.16
C ALA B 347 15.81 -18.19 -14.52
N GLU B 348 15.91 -19.14 -15.44
CA GLU B 348 15.28 -18.98 -16.75
C GLU B 348 13.87 -18.56 -16.38
N SER B 349 13.39 -17.44 -16.93
CA SER B 349 12.08 -16.95 -16.58
C SER B 349 11.11 -16.77 -17.75
N GLU B 350 9.88 -16.42 -17.39
CA GLU B 350 8.80 -16.16 -18.33
C GLU B 350 8.15 -14.85 -17.90
N LEU B 351 7.83 -13.98 -18.85
CA LEU B 351 7.24 -12.69 -18.50
C LEU B 351 6.29 -12.27 -19.61
N GLY B 352 5.02 -12.04 -19.25
CA GLY B 352 4.05 -11.64 -20.26
C GLY B 352 4.03 -12.61 -21.43
N GLY B 353 4.24 -13.90 -21.12
CA GLY B 353 4.24 -14.94 -22.15
C GLY B 353 5.56 -15.19 -22.85
N TYR B 354 6.57 -14.40 -22.52
CA TYR B 354 7.88 -14.55 -23.15
C TYR B 354 8.86 -15.37 -22.29
N ARG B 355 9.93 -15.84 -22.90
CA ARG B 355 10.93 -16.64 -22.21
C ARG B 355 12.19 -15.84 -21.91
N ILE B 356 12.35 -15.47 -20.65
CA ILE B 356 13.50 -14.71 -20.19
C ILE B 356 14.61 -15.67 -19.78
N PRO B 357 15.62 -15.85 -20.65
CA PRO B 357 16.77 -16.74 -20.43
C PRO B 357 17.44 -16.54 -19.09
N ALA B 358 17.65 -17.67 -18.39
CA ALA B 358 18.29 -17.64 -17.08
C ALA B 358 19.64 -16.94 -17.25
N GLY B 359 20.02 -16.19 -16.22
CA GLY B 359 21.28 -15.44 -16.23
C GLY B 359 21.24 -14.13 -17.01
N ALA B 360 20.14 -13.91 -17.74
CA ALA B 360 20.00 -12.72 -18.57
C ALA B 360 19.97 -11.38 -17.83
N ASP B 361 20.25 -10.31 -18.59
CA ASP B 361 20.28 -8.93 -18.10
C ASP B 361 19.13 -8.14 -18.71
N ILE B 362 18.20 -7.82 -17.85
CA ILE B 362 17.01 -7.11 -18.23
C ILE B 362 17.12 -5.64 -17.85
N ILE B 363 16.36 -4.79 -18.52
CA ILE B 363 16.43 -3.37 -18.22
C ILE B 363 15.13 -2.69 -18.56
N TYR B 364 14.69 -1.80 -17.68
CA TYR B 364 13.48 -1.05 -17.95
C TYR B 364 13.67 0.43 -17.61
N SER B 365 12.73 1.27 -18.03
CA SER B 365 12.86 2.70 -17.77
C SER B 365 11.70 3.41 -17.09
N PRO B 366 11.80 3.66 -15.77
CA PRO B 366 10.71 4.35 -15.07
C PRO B 366 10.31 5.66 -15.78
N TYR B 367 11.26 6.18 -16.55
CA TYR B 367 11.07 7.41 -17.32
C TYR B 367 9.98 7.26 -18.36
N ALA B 368 10.11 6.22 -19.18
CA ALA B 368 9.13 5.94 -20.23
C ALA B 368 7.78 5.50 -19.68
N ILE B 369 7.80 4.63 -18.67
CA ILE B 369 6.58 4.11 -18.05
C ILE B 369 5.71 5.23 -17.50
N GLN B 370 6.31 6.12 -16.71
CA GLN B 370 5.56 7.23 -16.12
C GLN B 370 5.03 8.21 -17.19
N ARG B 371 5.58 8.11 -18.40
CA ARG B 371 5.19 8.98 -19.52
C ARG B 371 4.55 8.21 -20.67
N ASP B 372 3.99 7.04 -20.37
CA ASP B 372 3.34 6.22 -21.40
C ASP B 372 1.87 6.62 -21.59
N PRO B 373 1.49 6.97 -22.84
CA PRO B 373 0.12 7.37 -23.13
C PRO B 373 -0.88 6.30 -22.67
N LYS B 374 -0.56 5.05 -23.00
CA LYS B 374 -1.41 3.94 -22.64
C LYS B 374 -1.69 3.93 -21.15
N SER B 375 -0.84 4.57 -20.35
CA SER B 375 -1.00 4.62 -18.89
C SER B 375 -1.50 5.94 -18.34
N TYR B 376 -1.47 6.98 -19.16
CA TYR B 376 -1.95 8.28 -18.71
C TYR B 376 -2.79 9.01 -19.79
N ASP B 377 -3.79 9.77 -19.35
CA ASP B 377 -4.69 10.52 -20.24
C ASP B 377 -3.94 11.65 -20.96
N ASP B 378 -3.57 12.68 -20.19
CA ASP B 378 -2.84 13.82 -20.71
C ASP B 378 -1.36 13.47 -20.56
N ASN B 379 -1.00 12.39 -21.25
CA ASN B 379 0.32 11.84 -21.28
C ASN B 379 1.51 12.78 -20.93
N LEU B 380 1.53 13.99 -21.48
CA LEU B 380 2.62 14.89 -21.22
C LEU B 380 2.14 16.19 -20.61
N GLU B 381 0.95 16.16 -20.03
CA GLU B 381 0.48 17.39 -19.47
C GLU B 381 0.76 17.38 -18.00
N PHE B 382 1.58 18.33 -17.55
CA PHE B 382 1.90 18.42 -16.14
C PHE B 382 0.55 18.66 -15.48
N ASP B 383 0.15 17.78 -14.59
CA ASP B 383 -1.15 17.90 -13.94
C ASP B 383 -1.15 17.28 -12.56
N PRO B 384 -0.79 18.06 -11.52
CA PRO B 384 -0.74 17.58 -10.13
C PRO B 384 -2.11 17.08 -9.66
N ASP B 385 -3.13 17.23 -10.51
CA ASP B 385 -4.46 16.78 -10.13
C ASP B 385 -4.92 15.51 -10.85
N ARG B 386 -3.97 14.80 -11.44
CA ARG B 386 -4.24 13.53 -12.10
C ARG B 386 -4.14 12.51 -10.97
N TRP B 387 -3.63 12.98 -9.82
CA TRP B 387 -3.45 12.17 -8.62
C TRP B 387 -4.63 12.40 -7.67
N LEU B 388 -5.80 12.60 -8.28
CA LEU B 388 -7.04 12.78 -7.55
C LEU B 388 -7.64 11.37 -7.45
N PRO B 389 -8.04 10.93 -6.25
CA PRO B 389 -8.62 9.60 -6.11
C PRO B 389 -9.26 9.03 -7.39
N GLU B 390 -10.28 9.71 -7.92
CA GLU B 390 -10.94 9.21 -9.12
C GLU B 390 -10.04 8.98 -10.34
N ARG B 391 -9.17 9.93 -10.65
CA ARG B 391 -8.30 9.75 -11.78
C ARG B 391 -7.12 8.87 -11.33
N ALA B 392 -6.81 8.90 -10.03
CA ALA B 392 -5.73 8.11 -9.47
C ALA B 392 -5.97 6.64 -9.76
N ALA B 393 -7.23 6.22 -9.65
CA ALA B 393 -7.60 4.84 -9.92
C ALA B 393 -7.46 4.55 -11.41
N ASN B 394 -7.64 5.58 -12.23
CA ASN B 394 -7.53 5.47 -13.69
C ASN B 394 -6.18 4.93 -14.13
N VAL B 395 -5.14 5.31 -13.39
CA VAL B 395 -3.75 4.93 -13.68
C VAL B 395 -3.35 3.55 -13.17
N PRO B 396 -2.77 2.70 -14.06
CA PRO B 396 -2.31 1.33 -13.76
C PRO B 396 -1.62 1.15 -12.41
N LYS B 397 -1.44 -0.10 -11.98
CA LYS B 397 -0.83 -0.41 -10.67
C LYS B 397 0.63 -0.06 -10.42
N TYR B 398 1.52 -0.34 -11.37
CA TYR B 398 2.92 -0.02 -11.20
C TYR B 398 3.46 0.94 -12.24
N ALA B 399 2.62 1.84 -12.75
CA ALA B 399 3.07 2.80 -13.76
C ALA B 399 3.57 4.10 -13.14
N MET B 400 3.61 4.12 -11.80
CA MET B 400 4.10 5.28 -11.02
C MET B 400 4.63 4.85 -9.65
N LYS B 401 5.85 4.32 -9.71
CA LYS B 401 6.56 3.87 -8.56
C LYS B 401 7.93 4.46 -8.75
N PRO B 402 8.16 5.64 -8.16
CA PRO B 402 9.44 6.34 -8.23
C PRO B 402 10.49 5.54 -7.49
N PHE B 403 10.05 4.76 -6.51
CA PHE B 403 10.92 3.86 -5.74
C PHE B 403 10.31 2.51 -6.21
N SER B 404 11.03 1.38 -6.17
CA SER B 404 10.43 0.09 -6.64
C SER B 404 9.79 -0.79 -5.54
N ALA B 405 9.16 -1.91 -5.89
CA ALA B 405 8.47 -2.74 -4.87
C ALA B 405 9.19 -3.90 -4.17
N GLY B 406 10.14 -4.53 -4.85
CA GLY B 406 10.88 -5.64 -4.26
C GLY B 406 11.70 -5.22 -3.04
N LYS B 407 12.59 -6.08 -2.54
CA LYS B 407 13.41 -5.66 -1.38
C LYS B 407 14.35 -4.61 -1.89
N ARG B 408 14.58 -4.63 -3.20
CA ARG B 408 15.39 -3.63 -3.84
C ARG B 408 14.43 -2.51 -4.11
N LYS B 409 13.95 -1.93 -3.01
CA LYS B 409 12.99 -0.84 -3.00
C LYS B 409 13.74 0.28 -2.35
N CYS B 410 13.18 1.47 -2.42
CA CYS B 410 13.87 2.59 -1.80
C CYS B 410 13.41 2.81 -0.35
N PRO B 411 14.29 2.54 0.64
CA PRO B 411 14.00 2.70 2.07
C PRO B 411 13.59 4.12 2.46
N SER B 412 14.06 5.09 1.68
CA SER B 412 13.79 6.49 1.96
C SER B 412 12.53 7.05 1.34
N ASP B 413 11.67 6.17 0.83
CA ASP B 413 10.43 6.66 0.23
C ASP B 413 9.80 7.65 1.20
N HIS B 414 9.63 7.23 2.45
CA HIS B 414 9.05 8.09 3.47
C HIS B 414 9.99 9.24 3.76
N PHE B 415 11.26 8.90 3.98
CA PHE B 415 12.27 9.89 4.29
C PHE B 415 12.53 10.87 3.16
N SER B 416 12.13 10.52 1.95
CA SER B 416 12.32 11.41 0.81
C SER B 416 11.13 12.32 0.65
N MET B 417 9.93 11.73 0.71
CA MET B 417 8.68 12.47 0.55
C MET B 417 8.43 13.53 1.63
N ALA B 418 9.09 13.36 2.78
CA ALA B 418 8.95 14.29 3.88
C ALA B 418 9.76 15.56 3.65
N GLN B 419 11.05 15.39 3.38
CA GLN B 419 11.87 16.57 3.16
C GLN B 419 11.47 17.26 1.85
N LEU B 420 11.03 16.50 0.85
CA LEU B 420 10.62 17.13 -0.40
C LEU B 420 9.37 18.00 -0.19
N THR B 421 8.46 17.51 0.64
CA THR B 421 7.22 18.25 0.94
C THR B 421 7.48 19.40 1.90
N LEU B 422 8.49 19.26 2.74
CA LEU B 422 8.79 20.35 3.63
C LEU B 422 9.33 21.43 2.71
N ILE B 423 10.57 21.27 2.26
CA ILE B 423 11.24 22.23 1.38
C ILE B 423 10.33 22.86 0.33
N THR B 424 9.73 22.03 -0.53
CA THR B 424 8.84 22.53 -1.56
C THR B 424 7.88 23.56 -0.95
N ALA B 425 7.28 23.16 0.17
CA ALA B 425 6.31 23.98 0.91
C ALA B 425 6.92 25.24 1.49
N ALA B 426 8.11 25.11 2.06
CA ALA B 426 8.78 26.26 2.62
C ALA B 426 8.81 27.30 1.50
N LEU B 427 9.59 27.00 0.47
CA LEU B 427 9.78 27.87 -0.68
C LEU B 427 8.57 28.51 -1.33
N ALA B 428 7.66 27.69 -1.84
CA ALA B 428 6.46 28.22 -2.48
C ALA B 428 5.80 29.30 -1.62
N THR B 429 5.65 29.02 -0.31
CA THR B 429 5.01 29.94 0.65
C THR B 429 5.67 31.34 0.65
N LYS B 430 6.97 31.37 0.98
CA LYS B 430 7.68 32.64 1.05
C LYS B 430 7.93 33.27 -0.31
N TYR B 431 8.18 32.45 -1.32
CA TYR B 431 8.46 33.01 -2.63
C TYR B 431 7.47 32.77 -3.74
N ARG B 432 8.00 32.95 -4.93
CA ARG B 432 7.27 32.80 -6.16
C ARG B 432 8.46 32.69 -7.10
N PHE B 433 8.65 31.51 -7.68
CA PHE B 433 9.79 31.29 -8.55
C PHE B 433 9.58 31.58 -10.00
N GLU B 434 10.61 32.23 -10.55
CA GLU B 434 10.66 32.69 -11.92
C GLU B 434 11.99 32.26 -12.54
N GLN B 435 11.91 31.71 -13.74
CA GLN B 435 13.10 31.21 -14.43
C GLN B 435 13.86 32.23 -15.28
N VAL B 436 15.09 32.59 -14.87
CA VAL B 436 15.88 33.59 -15.61
C VAL B 436 16.01 33.22 -17.04
N ALA B 437 15.84 34.21 -17.90
CA ALA B 437 15.93 33.97 -19.34
C ALA B 437 17.30 33.40 -19.65
N GLY B 438 17.37 32.53 -20.67
CA GLY B 438 18.65 31.93 -21.01
C GLY B 438 18.93 30.70 -20.16
N SER B 439 18.07 30.46 -19.17
CA SER B 439 18.23 29.30 -18.31
C SER B 439 18.16 28.13 -19.25
N ASN B 440 18.79 27.03 -18.89
CA ASN B 440 18.72 25.87 -19.75
C ASN B 440 18.21 24.68 -18.96
N ASP B 441 16.88 24.59 -18.96
CA ASP B 441 16.17 23.52 -18.29
C ASP B 441 16.04 22.31 -19.22
N ALA B 442 17.03 22.12 -20.09
CA ALA B 442 16.99 20.97 -20.97
C ALA B 442 17.58 19.82 -20.17
N VAL B 443 16.98 18.64 -20.30
CA VAL B 443 17.42 17.47 -19.57
C VAL B 443 18.81 17.00 -19.93
N ARG B 444 19.52 16.59 -18.89
CA ARG B 444 20.85 16.03 -19.02
C ARG B 444 20.64 14.59 -18.56
N VAL B 445 20.91 13.63 -19.44
CA VAL B 445 20.75 12.22 -19.10
C VAL B 445 22.06 11.65 -18.54
N GLY B 446 22.17 11.68 -17.20
CA GLY B 446 23.36 11.18 -16.55
C GLY B 446 23.02 9.93 -15.76
N ILE B 447 23.52 9.86 -14.55
CA ILE B 447 23.26 8.72 -13.70
C ILE B 447 21.81 8.83 -13.31
N THR B 448 21.37 10.08 -13.25
CA THR B 448 20.01 10.48 -12.93
C THR B 448 19.75 11.56 -13.99
N LEU B 449 18.51 12.00 -14.12
CA LEU B 449 18.23 13.05 -15.09
C LEU B 449 18.20 14.38 -14.38
N ARG B 450 19.01 15.35 -14.81
CA ARG B 450 18.97 16.68 -14.21
C ARG B 450 19.12 17.72 -15.30
N PRO B 451 18.58 18.92 -15.08
CA PRO B 451 18.62 20.06 -16.02
C PRO B 451 20.05 20.53 -16.24
N HIS B 452 20.51 20.60 -17.49
CA HIS B 452 21.89 21.07 -17.76
C HIS B 452 22.31 22.25 -16.90
N ASP B 453 21.47 23.29 -16.86
CA ASP B 453 21.81 24.50 -16.12
C ASP B 453 20.59 25.29 -15.71
N LEU B 454 19.85 24.81 -14.72
CA LEU B 454 18.64 25.54 -14.34
C LEU B 454 18.86 26.80 -13.50
N LEU B 455 18.40 27.94 -14.00
CA LEU B 455 18.54 29.19 -13.26
C LEU B 455 17.14 29.66 -12.87
N VAL B 456 16.89 30.00 -11.60
CA VAL B 456 15.58 30.54 -11.19
C VAL B 456 15.75 31.61 -10.14
N ARG B 457 14.85 32.57 -10.12
CA ARG B 457 15.01 33.62 -9.15
C ARG B 457 13.83 33.69 -8.21
N PRO B 458 14.09 33.78 -6.90
CA PRO B 458 12.99 33.86 -5.94
C PRO B 458 12.44 35.28 -5.92
N VAL B 459 11.14 35.42 -6.17
CA VAL B 459 10.50 36.73 -6.16
C VAL B 459 9.66 36.76 -4.90
N ALA B 460 9.58 37.93 -4.28
CA ALA B 460 8.83 38.08 -3.03
C ALA B 460 7.31 37.96 -3.14
N ARG B 461 6.77 36.95 -2.49
CA ARG B 461 5.33 36.76 -2.50
C ARG B 461 4.80 37.51 -1.27
N HIS B 462 3.92 38.50 -1.47
CA HIS B 462 3.37 39.26 -0.34
C HIS B 462 4.46 39.72 0.65
#